data_8F1B
#
_entry.id   8F1B
#
_cell.length_a   81.991
_cell.length_b   66.914
_cell.length_c   88.242
_cell.angle_alpha   90.00
_cell.angle_beta   99.92
_cell.angle_gamma   90.00
#
_symmetry.space_group_name_H-M   'P 1 21 1'
#
loop_
_entity.id
_entity.type
_entity.pdbx_description
1 polymer 'Zinc-binding protein'
2 non-polymer 'ZINC ION'
3 non-polymer 'TRIETHYLENE GLYCOL'
4 water water
#
_entity_poly.entity_id   1
_entity_poly.type   'polypeptide(L)'
_entity_poly.pdbx_seq_one_letter_code
;DHHSDHQHRQHEAHVHGQVELNIAQDGHDLLLEITAPGADVVGFEHAPQDDAQKQALEKALETLHHPEKLFALSDKAQCE
KREVLIKHTLGGEEYQHSHAYGGSFTAQYQFHCEAVDQLKQIDTQWFQYFPSTEKIQANVLTEKQQSALQLNAKQTLIKL
;
_entity_poly.pdbx_strand_id   A,B,C,D,E,F
#
loop_
_chem_comp.id
_chem_comp.type
_chem_comp.name
_chem_comp.formula
PGE non-polymer 'TRIETHYLENE GLYCOL' 'C6 H14 O4'
ZN non-polymer 'ZINC ION' 'Zn 2'
#
# COMPACT_ATOMS: atom_id res chain seq x y z
N HIS A 14 8.90 10.74 -13.74
CA HIS A 14 8.97 12.22 -13.83
C HIS A 14 8.37 12.66 -15.16
N VAL A 15 7.09 13.00 -15.13
CA VAL A 15 6.30 13.36 -16.34
C VAL A 15 5.78 14.77 -16.12
N HIS A 16 6.13 15.67 -17.03
CA HIS A 16 5.75 17.10 -16.96
C HIS A 16 4.22 17.19 -16.95
N GLY A 17 3.66 17.99 -16.06
CA GLY A 17 2.21 18.18 -15.96
C GLY A 17 1.53 17.14 -15.08
N GLN A 18 2.25 16.11 -14.65
CA GLN A 18 1.75 15.09 -13.70
C GLN A 18 2.38 15.33 -12.31
N VAL A 19 1.56 15.30 -11.26
CA VAL A 19 2.05 15.46 -9.87
C VAL A 19 1.61 14.27 -9.02
N GLU A 20 2.53 13.73 -8.23
CA GLU A 20 2.31 12.58 -7.33
C GLU A 20 1.87 13.15 -5.98
N LEU A 21 0.79 12.62 -5.41
CA LEU A 21 0.29 13.05 -4.08
C LEU A 21 -0.01 11.83 -3.22
N ASN A 22 0.74 11.66 -2.13
CA ASN A 22 0.55 10.54 -1.17
C ASN A 22 0.03 11.13 0.14
N ILE A 23 -1.17 10.76 0.53
CA ILE A 23 -1.79 11.25 1.80
C ILE A 23 -1.88 10.07 2.76
N ALA A 24 -1.39 10.26 3.97
CA ALA A 24 -1.46 9.25 5.05
C ALA A 24 -2.17 9.89 6.24
N GLN A 25 -3.14 9.20 6.78
CA GLN A 25 -3.90 9.68 7.96
C GLN A 25 -3.76 8.61 9.02
N ASP A 26 -3.15 8.95 10.14
CA ASP A 26 -2.91 8.02 11.26
C ASP A 26 -3.21 8.75 12.56
N GLY A 27 -4.38 8.47 13.15
CA GLY A 27 -4.84 9.18 14.35
C GLY A 27 -4.99 10.65 14.01
N HIS A 28 -4.34 11.52 14.78
CA HIS A 28 -4.37 12.99 14.59
C HIS A 28 -3.35 13.42 13.53
N ASP A 29 -2.56 12.50 13.00
CA ASP A 29 -1.47 12.82 12.05
C ASP A 29 -2.01 12.82 10.62
N LEU A 30 -1.95 13.97 9.96
CA LEU A 30 -2.22 14.07 8.52
C LEU A 30 -0.90 14.40 7.84
N LEU A 31 -0.45 13.50 6.98
CA LEU A 31 0.81 13.68 6.26
C LEU A 31 0.51 13.65 4.75
N LEU A 32 0.90 14.71 4.05
CA LEU A 32 0.75 14.79 2.59
C LEU A 32 2.12 14.99 2.00
N GLU A 33 2.47 14.19 0.99
CA GLU A 33 3.74 14.33 0.26
C GLU A 33 3.44 14.64 -1.20
N ILE A 34 4.18 15.58 -1.75
CA ILE A 34 4.01 16.03 -3.15
C ILE A 34 5.31 15.73 -3.88
N THR A 35 5.22 15.04 -5.01
CA THR A 35 6.34 14.94 -5.98
C THR A 35 5.91 15.65 -7.26
N ALA A 36 6.53 16.78 -7.55
CA ALA A 36 6.14 17.66 -8.67
C ALA A 36 7.36 17.96 -9.52
N PRO A 37 7.27 17.77 -10.85
CA PRO A 37 8.28 18.31 -11.74
C PRO A 37 8.46 19.82 -11.57
N GLY A 38 9.67 20.31 -11.82
CA GLY A 38 9.98 21.74 -11.72
C GLY A 38 9.27 22.53 -12.81
N ALA A 39 8.98 21.91 -13.95
CA ALA A 39 8.23 22.55 -15.05
C ALA A 39 6.83 22.91 -14.54
N ASP A 40 6.24 22.06 -13.70
CA ASP A 40 4.88 22.30 -13.16
C ASP A 40 4.94 23.45 -12.15
N VAL A 41 5.95 23.45 -11.30
CA VAL A 41 5.98 24.34 -10.11
C VAL A 41 6.51 25.72 -10.51
N VAL A 42 7.55 25.74 -11.33
CA VAL A 42 8.25 27.01 -11.67
C VAL A 42 7.90 27.44 -13.09
N GLY A 43 7.59 26.51 -13.98
CA GLY A 43 7.30 26.83 -15.40
C GLY A 43 8.47 26.46 -16.28
N PHE A 44 9.54 25.94 -15.70
CA PHE A 44 10.77 25.53 -16.42
C PHE A 44 11.72 24.85 -15.43
N GLU A 45 12.58 23.96 -15.90
CA GLU A 45 13.43 23.11 -15.04
C GLU A 45 14.90 23.54 -15.15
N HIS A 46 15.19 24.71 -15.67
CA HIS A 46 16.59 25.19 -15.80
C HIS A 46 16.85 26.34 -14.81
N ALA A 47 18.12 26.71 -14.70
CA ALA A 47 18.59 27.88 -13.91
C ALA A 47 17.89 29.12 -14.44
N PRO A 48 17.40 30.00 -13.55
CA PRO A 48 16.65 31.18 -13.97
C PRO A 48 17.43 32.01 -15.00
N GLN A 49 16.91 32.17 -16.21
CA GLN A 49 17.57 32.96 -17.29
C GLN A 49 17.58 34.46 -16.92
N ASP A 50 16.51 35.00 -16.37
CA ASP A 50 16.34 36.44 -16.12
C ASP A 50 15.59 36.65 -14.80
N ASP A 51 15.18 37.90 -14.53
CA ASP A 51 14.57 38.32 -13.24
C ASP A 51 13.13 37.83 -13.17
N ALA A 52 12.42 37.80 -14.30
CA ALA A 52 11.05 37.24 -14.35
C ALA A 52 11.11 35.82 -13.77
N GLN A 53 11.99 34.98 -14.34
CA GLN A 53 12.13 33.56 -13.94
C GLN A 53 12.59 33.50 -12.50
N LYS A 54 13.45 34.43 -12.07
CA LYS A 54 13.90 34.49 -10.66
C LYS A 54 12.69 34.68 -9.76
N GLN A 55 11.76 35.55 -10.16
CA GLN A 55 10.53 35.81 -9.38
C GLN A 55 9.64 34.56 -9.39
N ALA A 56 9.48 33.94 -10.56
CA ALA A 56 8.70 32.69 -10.70
C ALA A 56 9.18 31.68 -9.67
N LEU A 57 10.49 31.55 -9.48
CA LEU A 57 11.08 30.55 -8.57
C LEU A 57 10.79 30.95 -7.12
N GLU A 58 11.00 32.21 -6.79
CA GLU A 58 10.78 32.71 -5.42
C GLU A 58 9.28 32.60 -5.08
N LYS A 59 8.39 33.01 -6.00
CA LYS A 59 6.92 32.89 -5.79
C LYS A 59 6.60 31.43 -5.48
N ALA A 60 7.09 30.49 -6.30
CA ALA A 60 6.86 29.05 -6.12
C ALA A 60 7.32 28.59 -4.73
N LEU A 61 8.57 28.85 -4.37
CA LEU A 61 9.15 28.35 -3.10
C LEU A 61 8.35 28.92 -1.93
N GLU A 62 7.93 30.16 -2.05
CA GLU A 62 7.13 30.81 -0.99
C GLU A 62 5.75 30.13 -0.94
N THR A 63 5.19 29.77 -2.07
CA THR A 63 3.87 29.09 -2.13
C THR A 63 3.96 27.72 -1.45
N LEU A 64 5.05 27.00 -1.70
CA LEU A 64 5.17 25.58 -1.28
C LEU A 64 5.22 25.47 0.24
N HIS A 65 5.43 26.55 0.99
CA HIS A 65 5.45 26.47 2.48
C HIS A 65 4.08 26.87 3.05
N HIS A 66 3.05 26.90 2.21
CA HIS A 66 1.66 27.12 2.66
C HIS A 66 0.81 25.95 2.22
N PRO A 67 1.02 24.75 2.79
CA PRO A 67 0.19 23.60 2.44
C PRO A 67 -1.26 23.85 2.86
N GLU A 68 -1.48 24.78 3.79
CA GLU A 68 -2.83 25.14 4.24
C GLU A 68 -3.53 25.97 3.15
N LYS A 69 -2.79 26.53 2.20
CA LYS A 69 -3.38 27.12 0.98
C LYS A 69 -3.50 26.07 -0.12
N LEU A 70 -2.57 25.13 -0.22
CA LEU A 70 -2.56 24.14 -1.32
C LEU A 70 -3.57 23.03 -1.06
N PHE A 71 -3.93 22.82 0.19
CA PHE A 71 -4.92 21.80 0.62
C PHE A 71 -5.90 22.45 1.60
N ALA A 72 -7.16 22.57 1.21
CA ALA A 72 -8.20 23.21 2.04
C ALA A 72 -8.61 22.22 3.12
N LEU A 73 -8.14 22.41 4.34
CA LEU A 73 -8.53 21.57 5.50
C LEU A 73 -9.59 22.31 6.31
N SER A 74 -10.73 21.65 6.56
CA SER A 74 -11.86 22.26 7.30
C SER A 74 -11.34 22.80 8.64
N ASP A 75 -11.73 24.01 8.99
CA ASP A 75 -11.41 24.64 10.30
C ASP A 75 -11.85 23.73 11.44
N LYS A 76 -12.99 23.05 11.27
CA LYS A 76 -13.59 22.21 12.33
C LYS A 76 -12.60 21.12 12.72
N ALA A 77 -11.74 20.68 11.79
CA ALA A 77 -10.78 19.58 12.04
C ALA A 77 -9.62 20.05 12.94
N GLN A 78 -9.47 21.37 13.15
CA GLN A 78 -8.41 21.95 14.02
C GLN A 78 -7.06 21.39 13.57
N CYS A 79 -6.74 21.57 12.30
CA CYS A 79 -5.47 21.09 11.71
C CYS A 79 -4.42 22.19 11.83
N GLU A 80 -3.34 21.93 12.55
CA GLU A 80 -2.19 22.85 12.73
C GLU A 80 -0.96 22.29 12.00
N LYS A 81 -0.22 23.17 11.34
CA LYS A 81 0.97 22.74 10.55
C LYS A 81 2.06 22.32 11.54
N ARG A 82 2.62 21.14 11.36
CA ARG A 82 3.68 20.60 12.23
C ARG A 82 4.98 20.48 11.45
N GLU A 83 4.89 20.22 10.16
CA GLU A 83 6.08 20.00 9.33
C GLU A 83 5.82 20.61 7.96
N VAL A 84 6.81 21.36 7.50
CA VAL A 84 6.91 21.81 6.10
C VAL A 84 8.34 21.50 5.70
N LEU A 85 8.51 20.50 4.85
CA LEU A 85 9.79 20.17 4.19
C LEU A 85 9.62 20.45 2.70
N ILE A 86 10.59 21.15 2.11
CA ILE A 86 10.63 21.42 0.66
C ILE A 86 12.00 21.02 0.16
N LYS A 87 12.03 20.07 -0.76
CA LYS A 87 13.28 19.63 -1.41
C LYS A 87 13.21 20.06 -2.88
N HIS A 88 14.18 20.85 -3.31
CA HIS A 88 14.39 21.14 -4.75
C HIS A 88 15.65 20.41 -5.23
N THR A 89 15.48 19.45 -6.13
CA THR A 89 16.61 18.79 -6.82
C THR A 89 16.78 19.40 -8.21
N LEU A 90 17.98 19.88 -8.53
CA LEU A 90 18.27 20.58 -9.81
C LEU A 90 19.16 19.67 -10.67
N GLY A 102 17.28 17.37 -15.18
CA GLY A 102 15.96 18.03 -15.13
C GLY A 102 15.81 18.89 -13.88
N GLY A 103 14.86 18.51 -13.02
CA GLY A 103 14.58 19.28 -11.82
C GLY A 103 13.25 18.88 -11.21
N SER A 104 13.21 18.68 -9.89
CA SER A 104 12.03 18.11 -9.21
C SER A 104 11.83 18.80 -7.86
N PHE A 105 10.58 18.90 -7.42
CA PHE A 105 10.25 19.33 -6.05
C PHE A 105 9.56 18.19 -5.31
N THR A 106 10.08 17.87 -4.13
CA THR A 106 9.35 17.08 -3.11
C THR A 106 8.96 18.05 -2.00
N ALA A 107 7.67 18.09 -1.68
CA ALA A 107 7.18 18.73 -0.45
C ALA A 107 6.55 17.63 0.41
N GLN A 108 6.83 17.69 1.70
CA GLN A 108 6.23 16.78 2.69
C GLN A 108 5.60 17.65 3.77
N TYR A 109 4.32 17.47 4.02
CA TYR A 109 3.58 18.31 4.99
C TYR A 109 3.00 17.41 6.06
N GLN A 110 3.07 17.88 7.30
CA GLN A 110 2.45 17.18 8.44
C GLN A 110 1.52 18.16 9.13
N PHE A 111 0.28 17.75 9.29
CA PHE A 111 -0.69 18.46 10.15
C PHE A 111 -1.00 17.57 11.36
N HIS A 112 -1.32 18.24 12.46
CA HIS A 112 -1.89 17.57 13.64
C HIS A 112 -3.31 18.10 13.79
N CYS A 113 -4.29 17.25 13.49
CA CYS A 113 -5.71 17.63 13.44
C CYS A 113 -6.39 17.15 14.72
N GLU A 114 -6.65 18.07 15.65
CA GLU A 114 -7.13 17.67 16.99
C GLU A 114 -8.59 17.21 16.93
N ALA A 115 -9.30 17.50 15.86
CA ALA A 115 -10.65 16.97 15.59
C ALA A 115 -10.64 16.31 14.20
N VAL A 116 -9.80 15.30 14.03
CA VAL A 116 -9.58 14.65 12.72
C VAL A 116 -10.88 13.97 12.25
N ASP A 117 -11.75 13.59 13.16
CA ASP A 117 -13.06 12.95 12.82
C ASP A 117 -13.85 13.89 11.92
N GLN A 118 -13.62 15.19 12.01
CA GLN A 118 -14.38 16.21 11.25
C GLN A 118 -13.64 16.59 9.96
N LEU A 119 -12.50 15.96 9.67
CA LEU A 119 -11.85 16.11 8.35
C LEU A 119 -12.44 15.06 7.41
N LYS A 120 -13.57 15.38 6.80
CA LYS A 120 -14.29 14.47 5.88
C LYS A 120 -13.56 14.42 4.55
N GLN A 121 -12.99 15.54 4.13
CA GLN A 121 -12.43 15.65 2.76
C GLN A 121 -11.39 16.77 2.74
N ILE A 122 -10.56 16.71 1.70
CA ILE A 122 -9.53 17.74 1.39
C ILE A 122 -9.82 18.23 -0.02
N ASP A 123 -9.75 19.53 -0.17
CA ASP A 123 -10.03 20.20 -1.46
C ASP A 123 -8.73 20.83 -1.91
N THR A 124 -8.02 20.17 -2.81
CA THR A 124 -6.66 20.62 -3.18
C THR A 124 -6.78 21.87 -4.05
N GLN A 125 -5.98 22.89 -3.74
CA GLN A 125 -5.90 24.13 -4.54
C GLN A 125 -4.64 24.11 -5.40
N TRP A 126 -4.00 22.95 -5.53
CA TRP A 126 -2.73 22.83 -6.26
C TRP A 126 -2.85 23.45 -7.64
N PHE A 127 -3.91 23.07 -8.36
CA PHE A 127 -4.10 23.44 -9.78
C PHE A 127 -4.27 24.95 -9.87
N GLN A 128 -4.70 25.60 -8.81
CA GLN A 128 -4.87 27.08 -8.82
C GLN A 128 -3.51 27.75 -8.71
N TYR A 129 -2.58 27.17 -7.94
CA TYR A 129 -1.25 27.79 -7.73
C TYR A 129 -0.29 27.38 -8.84
N PHE A 130 -0.52 26.22 -9.44
CA PHE A 130 0.40 25.60 -10.43
C PHE A 130 -0.44 25.07 -11.58
N PRO A 131 -1.05 25.96 -12.37
CA PRO A 131 -1.99 25.57 -13.41
C PRO A 131 -1.39 24.67 -14.49
N SER A 132 -0.08 24.63 -14.66
CA SER A 132 0.57 23.77 -15.68
C SER A 132 0.57 22.30 -15.21
N THR A 133 0.14 22.03 -13.97
CA THR A 133 -0.19 20.64 -13.56
C THR A 133 -1.54 20.28 -14.17
N GLU A 134 -1.62 19.18 -14.89
CA GLU A 134 -2.90 18.76 -15.54
C GLU A 134 -3.53 17.65 -14.70
N LYS A 135 -2.76 16.74 -14.11
CA LYS A 135 -3.35 15.63 -13.31
C LYS A 135 -2.46 15.34 -12.11
N ILE A 136 -3.10 15.12 -10.97
CA ILE A 136 -2.41 14.61 -9.76
C ILE A 136 -2.86 13.17 -9.55
N GLN A 137 -1.90 12.27 -9.36
CA GLN A 137 -2.19 10.87 -8.94
C GLN A 137 -2.13 10.84 -7.42
N ALA A 138 -3.28 10.77 -6.77
CA ALA A 138 -3.39 10.84 -5.31
C ALA A 138 -3.51 9.40 -4.77
N ASN A 139 -2.70 9.10 -3.78
CA ASN A 139 -2.82 7.86 -2.98
C ASN A 139 -3.22 8.25 -1.57
N VAL A 140 -4.31 7.70 -1.07
CA VAL A 140 -4.85 8.07 0.26
C VAL A 140 -4.88 6.81 1.13
N LEU A 141 -3.99 6.80 2.12
CA LEU A 141 -3.96 5.73 3.14
C LEU A 141 -4.51 6.33 4.44
N THR A 142 -5.60 5.79 4.94
CA THR A 142 -6.12 6.15 6.27
C THR A 142 -6.11 4.88 7.12
N GLU A 143 -6.57 5.02 8.37
CA GLU A 143 -6.68 3.89 9.31
C GLU A 143 -7.65 2.86 8.72
N LYS A 144 -8.61 3.32 7.91
CA LYS A 144 -9.77 2.50 7.47
C LYS A 144 -9.52 1.89 6.09
N GLN A 145 -8.80 2.56 5.22
CA GLN A 145 -8.74 2.16 3.79
C GLN A 145 -7.60 2.86 3.07
N GLN A 146 -6.95 2.14 2.17
CA GLN A 146 -6.20 2.72 1.04
C GLN A 146 -7.19 3.02 -0.09
N SER A 147 -7.00 4.14 -0.77
CA SER A 147 -7.80 4.50 -1.96
C SER A 147 -6.96 5.38 -2.85
N ALA A 148 -7.16 5.25 -4.15
CA ALA A 148 -6.46 6.03 -5.19
C ALA A 148 -7.50 6.86 -5.94
N LEU A 149 -7.08 8.01 -6.43
CA LEU A 149 -7.90 8.78 -7.39
C LEU A 149 -7.01 9.75 -8.15
N GLN A 150 -7.40 10.04 -9.38
CA GLN A 150 -6.70 11.03 -10.23
C GLN A 150 -7.45 12.34 -10.12
N LEU A 151 -6.75 13.41 -9.80
CA LEU A 151 -7.37 14.75 -9.63
C LEU A 151 -7.04 15.60 -10.84
N ASN A 152 -7.92 16.55 -11.13
CA ASN A 152 -7.64 17.61 -12.13
C ASN A 152 -8.16 18.94 -11.57
N ALA A 153 -7.91 20.03 -12.28
CA ALA A 153 -8.25 21.39 -11.81
C ALA A 153 -9.75 21.49 -11.52
N LYS A 154 -10.57 20.62 -12.09
CA LYS A 154 -12.04 20.68 -11.87
C LYS A 154 -12.49 19.66 -10.83
N GLN A 155 -11.73 18.58 -10.66
CA GLN A 155 -12.07 17.51 -9.70
C GLN A 155 -10.93 17.45 -8.70
N THR A 156 -11.07 18.19 -7.61
CA THR A 156 -9.98 18.43 -6.64
C THR A 156 -10.32 17.80 -5.29
N LEU A 157 -11.42 17.08 -5.19
CA LEU A 157 -11.90 16.55 -3.89
C LEU A 157 -11.21 15.23 -3.57
N ILE A 158 -10.68 15.14 -2.36
CA ILE A 158 -10.18 13.86 -1.79
C ILE A 158 -11.06 13.55 -0.59
N LYS A 159 -11.67 12.38 -0.61
CA LYS A 159 -12.49 11.91 0.54
C LYS A 159 -11.56 11.19 1.52
N LEU A 160 -11.78 11.42 2.80
CA LEU A 160 -11.11 10.64 3.89
C LEU A 160 -12.14 9.68 4.50
N HIS B 14 -21.56 -3.30 -22.55
CA HIS B 14 -21.25 -2.61 -21.26
C HIS B 14 -20.19 -3.40 -20.49
N VAL B 15 -19.82 -2.94 -19.30
CA VAL B 15 -18.82 -3.64 -18.47
C VAL B 15 -19.44 -3.89 -17.11
N HIS B 16 -19.55 -5.17 -16.74
CA HIS B 16 -19.99 -5.59 -15.39
C HIS B 16 -19.04 -4.96 -14.37
N GLY B 17 -19.61 -4.38 -13.33
CA GLY B 17 -18.86 -3.72 -12.23
C GLY B 17 -18.54 -2.26 -12.53
N GLN B 18 -18.85 -1.78 -13.72
CA GLN B 18 -18.63 -0.35 -14.09
C GLN B 18 -20.00 0.30 -14.39
N VAL B 19 -20.16 1.53 -13.98
CA VAL B 19 -21.41 2.31 -14.21
C VAL B 19 -21.03 3.68 -14.80
N GLU B 20 -21.88 4.20 -15.67
CA GLU B 20 -21.68 5.51 -16.31
C GLU B 20 -22.56 6.52 -15.60
N LEU B 21 -21.99 7.65 -15.24
CA LEU B 21 -22.72 8.74 -14.58
C LEU B 21 -22.50 10.00 -15.39
N ASN B 22 -23.59 10.66 -15.78
CA ASN B 22 -23.55 11.96 -16.51
C ASN B 22 -24.23 13.00 -15.66
N ILE B 23 -23.53 14.10 -15.42
CA ILE B 23 -24.08 15.23 -14.63
C ILE B 23 -24.07 16.48 -15.49
N ALA B 24 -25.23 17.09 -15.65
CA ALA B 24 -25.37 18.38 -16.36
C ALA B 24 -26.02 19.39 -15.42
N GLN B 25 -25.38 20.55 -15.29
CA GLN B 25 -25.94 21.70 -14.53
C GLN B 25 -26.12 22.85 -15.51
N ASP B 26 -27.37 23.28 -15.71
CA ASP B 26 -27.70 24.47 -16.52
C ASP B 26 -28.70 25.33 -15.74
N GLY B 27 -28.23 26.39 -15.11
CA GLY B 27 -29.06 27.28 -14.29
C GLY B 27 -29.50 26.56 -13.03
N HIS B 28 -30.80 26.47 -12.78
CA HIS B 28 -31.33 25.79 -11.56
C HIS B 28 -31.49 24.29 -11.82
N ASP B 29 -31.32 23.83 -13.06
CA ASP B 29 -31.57 22.42 -13.43
C ASP B 29 -30.30 21.59 -13.26
N LEU B 30 -30.39 20.54 -12.44
CA LEU B 30 -29.32 19.53 -12.26
C LEU B 30 -29.83 18.22 -12.88
N LEU B 31 -29.05 17.65 -13.79
CA LEU B 31 -29.47 16.45 -14.55
C LEU B 31 -28.46 15.35 -14.24
N LEU B 32 -28.93 14.25 -13.66
CA LEU B 32 -28.07 13.09 -13.35
C LEU B 32 -28.56 11.90 -14.15
N GLU B 33 -27.68 11.29 -14.93
CA GLU B 33 -28.02 10.14 -15.78
C GLU B 33 -27.12 8.95 -15.40
N ILE B 34 -27.73 7.85 -14.99
CA ILE B 34 -27.02 6.60 -14.65
C ILE B 34 -27.28 5.56 -15.73
N THR B 35 -26.22 4.98 -16.27
CA THR B 35 -26.31 3.74 -17.08
C THR B 35 -25.55 2.67 -16.30
N ALA B 36 -26.27 1.62 -15.90
CA ALA B 36 -25.72 0.56 -15.02
C ALA B 36 -26.09 -0.78 -15.57
N PRO B 37 -25.14 -1.73 -15.69
CA PRO B 37 -25.46 -3.11 -16.07
C PRO B 37 -26.44 -3.73 -15.07
N GLY B 38 -27.33 -4.59 -15.58
CA GLY B 38 -28.20 -5.41 -14.73
C GLY B 38 -27.39 -6.20 -13.72
N ALA B 39 -26.21 -6.71 -14.11
CA ALA B 39 -25.31 -7.44 -13.18
C ALA B 39 -25.14 -6.64 -11.89
N ASP B 40 -24.89 -5.33 -12.02
CA ASP B 40 -24.59 -4.47 -10.86
C ASP B 40 -25.87 -4.24 -10.08
N VAL B 41 -26.95 -3.91 -10.77
CA VAL B 41 -28.20 -3.43 -10.12
C VAL B 41 -28.89 -4.57 -9.40
N VAL B 42 -28.86 -5.78 -9.95
CA VAL B 42 -29.76 -6.84 -9.43
C VAL B 42 -29.08 -8.21 -9.43
N GLY B 43 -27.96 -8.38 -10.12
CA GLY B 43 -27.19 -9.64 -10.08
C GLY B 43 -27.42 -10.49 -11.31
N PHE B 44 -28.37 -10.13 -12.16
CA PHE B 44 -28.66 -10.89 -13.40
C PHE B 44 -29.16 -9.92 -14.44
N GLU B 45 -29.11 -10.28 -15.71
CA GLU B 45 -29.50 -9.37 -16.81
C GLU B 45 -30.70 -9.95 -17.58
N HIS B 46 -31.13 -11.14 -17.21
CA HIS B 46 -32.27 -11.83 -17.86
C HIS B 46 -33.55 -11.57 -17.04
N ALA B 47 -34.67 -12.07 -17.53
CA ALA B 47 -35.97 -11.97 -16.85
C ALA B 47 -35.89 -12.72 -15.52
N PRO B 48 -36.58 -12.23 -14.45
CA PRO B 48 -36.63 -12.95 -13.18
C PRO B 48 -37.20 -14.35 -13.41
N GLN B 49 -36.48 -15.39 -12.99
CA GLN B 49 -36.89 -16.81 -13.19
C GLN B 49 -37.60 -17.35 -11.96
N ASP B 50 -37.49 -16.70 -10.80
CA ASP B 50 -38.17 -17.15 -9.55
C ASP B 50 -38.60 -15.92 -8.73
N ASP B 51 -39.29 -16.16 -7.62
CA ASP B 51 -39.77 -15.07 -6.72
C ASP B 51 -38.57 -14.28 -6.18
N ALA B 52 -37.46 -14.94 -5.83
CA ALA B 52 -36.30 -14.30 -5.19
C ALA B 52 -35.72 -13.25 -6.16
N GLN B 53 -35.51 -13.64 -7.41
CA GLN B 53 -35.00 -12.73 -8.47
C GLN B 53 -36.03 -11.62 -8.69
N LYS B 54 -37.32 -11.92 -8.60
CA LYS B 54 -38.37 -10.89 -8.75
C LYS B 54 -38.28 -9.92 -7.57
N GLN B 55 -37.99 -10.42 -6.37
CA GLN B 55 -37.88 -9.55 -5.19
C GLN B 55 -36.66 -8.64 -5.38
N ALA B 56 -35.57 -9.17 -5.92
CA ALA B 56 -34.34 -8.40 -6.20
C ALA B 56 -34.69 -7.26 -7.18
N LEU B 57 -35.34 -7.59 -8.29
CA LEU B 57 -35.74 -6.59 -9.32
C LEU B 57 -36.57 -5.50 -8.65
N GLU B 58 -37.47 -5.89 -7.74
CA GLU B 58 -38.39 -4.94 -7.07
C GLU B 58 -37.57 -3.99 -6.19
N LYS B 59 -36.58 -4.52 -5.49
CA LYS B 59 -35.76 -3.73 -4.54
C LYS B 59 -34.95 -2.72 -5.35
N ALA B 60 -34.30 -3.17 -6.42
CA ALA B 60 -33.48 -2.32 -7.30
C ALA B 60 -34.37 -1.19 -7.84
N LEU B 61 -35.50 -1.54 -8.45
CA LEU B 61 -36.43 -0.55 -9.05
C LEU B 61 -36.84 0.42 -7.96
N GLU B 62 -37.11 -0.09 -6.76
CA GLU B 62 -37.59 0.77 -5.64
C GLU B 62 -36.46 1.76 -5.30
N THR B 63 -35.24 1.27 -5.13
CA THR B 63 -34.10 2.15 -4.80
C THR B 63 -33.88 3.18 -5.92
N LEU B 64 -34.02 2.76 -7.17
CA LEU B 64 -33.62 3.60 -8.32
C LEU B 64 -34.56 4.82 -8.48
N HIS B 65 -35.72 4.86 -7.84
CA HIS B 65 -36.61 6.05 -7.93
C HIS B 65 -36.39 6.97 -6.72
N HIS B 66 -35.33 6.76 -5.95
CA HIS B 66 -34.97 7.68 -4.84
C HIS B 66 -33.58 8.26 -5.08
N PRO B 67 -33.42 9.18 -6.06
CA PRO B 67 -32.10 9.77 -6.33
C PRO B 67 -31.55 10.54 -5.12
N GLU B 68 -32.43 10.95 -4.20
CA GLU B 68 -32.04 11.66 -2.97
C GLU B 68 -31.25 10.70 -2.07
N LYS B 69 -31.45 9.40 -2.20
CA LYS B 69 -30.66 8.39 -1.43
C LYS B 69 -29.37 8.07 -2.18
N LEU B 70 -29.37 8.19 -3.50
CA LEU B 70 -28.21 7.81 -4.34
C LEU B 70 -27.25 8.98 -4.46
N PHE B 71 -27.72 10.20 -4.26
CA PHE B 71 -26.92 11.43 -4.50
C PHE B 71 -27.20 12.41 -3.37
N ALA B 72 -26.22 12.63 -2.50
CA ALA B 72 -26.31 13.61 -1.40
C ALA B 72 -26.18 15.01 -2.02
N LEU B 73 -27.28 15.73 -2.15
CA LEU B 73 -27.26 17.16 -2.56
C LEU B 73 -27.48 18.00 -1.31
N SER B 74 -26.51 18.84 -0.98
CA SER B 74 -26.59 19.84 0.13
C SER B 74 -27.98 20.48 0.17
N ASP B 75 -28.66 20.42 1.32
CA ASP B 75 -29.96 21.10 1.56
C ASP B 75 -29.84 22.59 1.20
N LYS B 76 -28.69 23.21 1.47
CA LYS B 76 -28.45 24.64 1.16
C LYS B 76 -28.80 24.93 -0.30
N ALA B 77 -28.54 23.98 -1.19
CA ALA B 77 -28.76 24.17 -2.64
C ALA B 77 -30.26 24.21 -2.95
N GLN B 78 -31.11 23.70 -2.06
CA GLN B 78 -32.58 23.73 -2.21
C GLN B 78 -33.00 23.04 -3.52
N CYS B 79 -32.67 21.75 -3.62
CA CYS B 79 -32.87 20.96 -4.86
C CYS B 79 -34.21 20.23 -4.77
N GLU B 80 -35.03 20.33 -5.80
CA GLU B 80 -36.35 19.66 -5.86
C GLU B 80 -36.30 18.58 -6.93
N LYS B 81 -36.63 17.34 -6.56
CA LYS B 81 -36.88 16.24 -7.51
C LYS B 81 -38.00 16.69 -8.46
N ARG B 82 -37.73 16.71 -9.76
CA ARG B 82 -38.71 17.13 -10.78
C ARG B 82 -38.92 16.04 -11.82
N GLU B 83 -37.95 15.17 -12.05
CA GLU B 83 -38.15 14.10 -13.05
C GLU B 83 -37.41 12.84 -12.60
N VAL B 84 -38.12 11.73 -12.58
CA VAL B 84 -37.50 10.40 -12.35
C VAL B 84 -37.88 9.54 -13.54
N LEU B 85 -36.88 9.04 -14.25
CA LEU B 85 -37.09 8.10 -15.36
C LEU B 85 -36.23 6.89 -15.04
N ILE B 86 -36.86 5.73 -14.99
CA ILE B 86 -36.12 4.43 -14.92
C ILE B 86 -36.43 3.69 -16.21
N LYS B 87 -35.42 3.10 -16.81
CA LYS B 87 -35.63 2.18 -17.94
C LYS B 87 -34.87 0.89 -17.66
N HIS B 88 -35.52 -0.25 -17.82
CA HIS B 88 -34.87 -1.57 -17.77
C HIS B 88 -34.94 -2.18 -19.17
N THR B 89 -33.81 -2.33 -19.83
CA THR B 89 -33.68 -3.13 -21.08
C THR B 89 -33.23 -4.52 -20.69
N LEU B 90 -34.09 -5.52 -20.80
CA LEU B 90 -33.76 -6.94 -20.52
C LEU B 90 -32.69 -7.42 -21.53
N GLY B 102 -26.55 -7.61 -23.72
CA GLY B 102 -27.61 -6.67 -23.31
C GLY B 102 -28.12 -6.97 -21.91
N GLY B 103 -28.62 -5.92 -21.24
CA GLY B 103 -29.22 -6.08 -19.92
C GLY B 103 -28.83 -4.94 -19.01
N SER B 104 -29.53 -3.82 -19.08
CA SER B 104 -29.03 -2.55 -18.53
C SER B 104 -30.17 -1.74 -17.90
N PHE B 105 -29.82 -1.00 -16.86
CA PHE B 105 -30.71 -0.02 -16.22
C PHE B 105 -30.21 1.36 -16.57
N THR B 106 -31.15 2.23 -16.92
CA THR B 106 -30.86 3.64 -17.18
C THR B 106 -31.76 4.47 -16.29
N ALA B 107 -31.19 5.38 -15.52
CA ALA B 107 -31.95 6.29 -14.65
C ALA B 107 -31.59 7.72 -15.04
N GLN B 108 -32.61 8.54 -15.32
CA GLN B 108 -32.41 10.00 -15.46
C GLN B 108 -33.09 10.68 -14.30
N TYR B 109 -32.39 11.60 -13.65
CA TYR B 109 -32.96 12.41 -12.56
C TYR B 109 -32.73 13.87 -12.90
N GLN B 110 -33.81 14.63 -12.81
CA GLN B 110 -33.79 16.07 -13.06
C GLN B 110 -34.18 16.75 -11.76
N PHE B 111 -33.27 17.53 -11.20
CA PHE B 111 -33.56 18.38 -10.02
C PHE B 111 -33.65 19.82 -10.45
N HIS B 112 -34.33 20.60 -9.64
CA HIS B 112 -34.42 22.07 -9.79
C HIS B 112 -33.98 22.66 -8.47
N CYS B 113 -32.82 23.30 -8.48
CA CYS B 113 -32.17 23.82 -7.25
C CYS B 113 -32.26 25.34 -7.28
N GLU B 114 -33.02 25.93 -6.36
CA GLU B 114 -33.21 27.41 -6.34
C GLU B 114 -31.93 28.11 -5.88
N ALA B 115 -31.06 27.42 -5.16
CA ALA B 115 -29.74 27.95 -4.74
C ALA B 115 -28.63 27.07 -5.33
N VAL B 116 -28.67 26.85 -6.64
CA VAL B 116 -27.76 25.89 -7.33
C VAL B 116 -26.29 26.24 -7.06
N ASP B 117 -26.00 27.48 -6.68
CA ASP B 117 -24.60 27.91 -6.40
C ASP B 117 -24.16 27.51 -4.99
N GLN B 118 -25.08 27.02 -4.16
CA GLN B 118 -24.73 26.35 -2.88
C GLN B 118 -24.39 24.89 -3.17
N LEU B 119 -24.69 24.41 -4.38
CA LEU B 119 -24.35 23.03 -4.78
C LEU B 119 -22.90 23.04 -5.28
N LYS B 120 -21.95 22.76 -4.39
CA LYS B 120 -20.51 22.78 -4.74
C LYS B 120 -20.06 21.38 -5.15
N GLN B 121 -20.71 20.35 -4.64
CA GLN B 121 -20.30 18.96 -4.88
C GLN B 121 -21.46 18.03 -4.61
N ILE B 122 -21.26 16.76 -4.93
CA ILE B 122 -22.25 15.69 -4.79
C ILE B 122 -21.49 14.51 -4.20
N ASP B 123 -21.99 13.98 -3.10
CA ASP B 123 -21.48 12.70 -2.57
C ASP B 123 -22.47 11.63 -3.00
N THR B 124 -22.03 10.71 -3.85
CA THR B 124 -22.90 9.62 -4.36
C THR B 124 -22.88 8.49 -3.33
N GLN B 125 -24.04 7.92 -3.05
CA GLN B 125 -24.13 6.68 -2.25
C GLN B 125 -24.46 5.50 -3.17
N TRP B 126 -24.14 5.61 -4.45
CA TRP B 126 -24.39 4.49 -5.40
C TRP B 126 -23.85 3.19 -4.81
N PHE B 127 -22.58 3.19 -4.43
CA PHE B 127 -21.83 1.96 -4.05
C PHE B 127 -22.43 1.34 -2.79
N GLN B 128 -23.13 2.12 -1.97
CA GLN B 128 -23.78 1.57 -0.75
C GLN B 128 -24.99 0.73 -1.13
N TYR B 129 -25.77 1.18 -2.11
CA TYR B 129 -27.00 0.49 -2.55
C TYR B 129 -26.65 -0.62 -3.52
N PHE B 130 -25.52 -0.49 -4.20
CA PHE B 130 -25.13 -1.39 -5.31
C PHE B 130 -23.66 -1.72 -5.20
N PRO B 131 -23.27 -2.44 -4.12
CA PRO B 131 -21.87 -2.65 -3.78
C PRO B 131 -21.08 -3.54 -4.75
N SER B 132 -21.75 -4.21 -5.68
CA SER B 132 -21.04 -4.99 -6.74
C SER B 132 -20.44 -4.03 -7.76
N THR B 133 -20.90 -2.78 -7.80
CA THR B 133 -20.27 -1.71 -8.62
C THR B 133 -18.90 -1.40 -8.01
N GLU B 134 -17.88 -1.30 -8.82
CA GLU B 134 -16.51 -0.96 -8.34
C GLU B 134 -16.02 0.36 -8.93
N LYS B 135 -16.54 0.77 -10.08
CA LYS B 135 -16.07 1.99 -10.77
C LYS B 135 -17.29 2.69 -11.34
N ILE B 136 -17.38 4.00 -11.13
CA ILE B 136 -18.29 4.86 -11.92
C ILE B 136 -17.45 5.79 -12.80
N GLN B 137 -17.69 5.76 -14.09
CA GLN B 137 -17.21 6.81 -15.02
C GLN B 137 -18.18 7.98 -14.94
N ALA B 138 -17.76 9.06 -14.29
CA ALA B 138 -18.57 10.29 -14.14
C ALA B 138 -18.09 11.34 -15.13
N ASN B 139 -19.00 11.85 -15.94
CA ASN B 139 -18.77 13.06 -16.77
C ASN B 139 -19.61 14.17 -16.18
N VAL B 140 -19.00 15.33 -16.00
CA VAL B 140 -19.62 16.49 -15.31
C VAL B 140 -19.59 17.69 -16.24
N LEU B 141 -20.76 18.24 -16.53
CA LEU B 141 -20.87 19.43 -17.41
C LEU B 141 -21.68 20.48 -16.69
N THR B 142 -21.05 21.60 -16.38
CA THR B 142 -21.73 22.74 -15.71
C THR B 142 -21.59 23.96 -16.61
N GLU B 143 -22.21 25.06 -16.20
CA GLU B 143 -22.11 26.36 -16.92
C GLU B 143 -20.63 26.75 -16.99
N LYS B 144 -19.84 26.35 -16.01
CA LYS B 144 -18.46 26.88 -15.83
C LYS B 144 -17.44 25.89 -16.39
N GLN B 145 -17.64 24.59 -16.21
CA GLN B 145 -16.56 23.61 -16.46
C GLN B 145 -17.10 22.33 -17.07
N GLN B 146 -16.21 21.59 -17.69
CA GLN B 146 -16.47 20.22 -18.13
C GLN B 146 -15.29 19.38 -17.66
N SER B 147 -15.59 18.29 -16.96
CA SER B 147 -14.59 17.38 -16.40
C SER B 147 -15.16 15.96 -16.33
N ALA B 148 -14.26 15.02 -16.15
CA ALA B 148 -14.56 13.59 -16.00
C ALA B 148 -13.74 13.12 -14.80
N LEU B 149 -14.23 12.09 -14.15
CA LEU B 149 -13.48 11.42 -13.08
C LEU B 149 -14.02 10.02 -12.90
N GLN B 150 -13.19 9.17 -12.35
CA GLN B 150 -13.55 7.79 -12.01
C GLN B 150 -13.84 7.76 -10.51
N LEU B 151 -15.03 7.34 -10.13
CA LEU B 151 -15.39 7.20 -8.70
C LEU B 151 -15.16 5.75 -8.29
N ASN B 152 -15.01 5.55 -6.98
CA ASN B 152 -14.99 4.19 -6.41
C ASN B 152 -15.74 4.26 -5.09
N ALA B 153 -15.89 3.12 -4.42
CA ALA B 153 -16.67 3.00 -3.17
C ALA B 153 -16.13 4.01 -2.15
N LYS B 154 -14.84 4.35 -2.21
CA LYS B 154 -14.22 5.26 -1.21
C LYS B 154 -14.18 6.69 -1.74
N GLN B 155 -13.89 6.90 -3.01
CA GLN B 155 -13.82 8.27 -3.59
C GLN B 155 -15.10 8.53 -4.39
N THR B 156 -16.09 9.09 -3.71
CA THR B 156 -17.47 9.20 -4.20
C THR B 156 -17.81 10.65 -4.45
N LEU B 157 -16.84 11.53 -4.30
CA LEU B 157 -17.07 12.98 -4.40
C LEU B 157 -17.03 13.39 -5.89
N ILE B 158 -17.95 14.27 -6.25
CA ILE B 158 -18.02 14.91 -7.57
C ILE B 158 -18.03 16.42 -7.33
N LYS B 159 -17.09 17.13 -7.92
CA LYS B 159 -17.06 18.61 -7.79
C LYS B 159 -17.92 19.22 -8.89
N LEU B 160 -18.83 20.12 -8.54
CA LEU B 160 -19.58 20.92 -9.55
C LEU B 160 -18.75 22.16 -9.89
N ALA C 13 0.26 -31.74 19.83
CA ALA C 13 1.14 -30.75 20.50
C ALA C 13 0.28 -29.72 21.26
N HIS C 14 -0.67 -30.19 22.06
CA HIS C 14 -1.66 -29.36 22.80
C HIS C 14 -1.21 -29.19 24.24
N VAL C 15 -0.64 -28.03 24.53
CA VAL C 15 -0.17 -27.62 25.88
C VAL C 15 -0.67 -26.21 26.14
N HIS C 16 -1.42 -26.02 27.22
CA HIS C 16 -1.95 -24.67 27.60
C HIS C 16 -0.77 -23.73 27.85
N GLY C 17 -0.83 -22.54 27.24
CA GLY C 17 0.25 -21.54 27.32
C GLY C 17 1.22 -21.67 26.17
N GLN C 18 1.10 -22.70 25.35
CA GLN C 18 2.01 -22.89 24.19
C GLN C 18 1.20 -22.86 22.88
N VAL C 19 1.67 -22.06 21.94
CA VAL C 19 1.02 -21.86 20.61
C VAL C 19 2.00 -22.31 19.52
N GLU C 20 1.48 -22.85 18.42
CA GLU C 20 2.29 -23.19 17.25
C GLU C 20 2.03 -22.15 16.17
N LEU C 21 3.10 -21.67 15.57
CA LEU C 21 3.06 -20.76 14.40
C LEU C 21 3.95 -21.38 13.34
N ASN C 22 3.37 -21.66 12.17
CA ASN C 22 4.13 -22.15 10.99
C ASN C 22 4.03 -21.06 9.93
N ILE C 23 5.16 -20.54 9.50
CA ILE C 23 5.25 -19.56 8.41
C ILE C 23 5.89 -20.26 7.22
N ALA C 24 5.34 -20.02 6.04
CA ALA C 24 5.89 -20.54 4.77
C ALA C 24 5.78 -19.44 3.73
N GLN C 25 6.84 -19.30 2.94
CA GLN C 25 6.89 -18.32 1.83
C GLN C 25 7.21 -19.11 0.56
N ASP C 26 6.29 -19.10 -0.39
CA ASP C 26 6.46 -19.82 -1.67
C ASP C 26 6.48 -18.83 -2.84
N GLY C 27 7.28 -17.77 -2.75
CA GLY C 27 7.36 -16.71 -3.77
C GLY C 27 6.07 -15.95 -3.86
N HIS C 28 6.03 -14.76 -3.27
CA HIS C 28 4.83 -13.86 -3.20
C HIS C 28 3.78 -14.43 -2.23
N ASP C 29 3.69 -15.76 -2.06
CA ASP C 29 2.61 -16.38 -1.25
C ASP C 29 3.12 -16.61 0.17
N LEU C 30 2.55 -15.88 1.13
CA LEU C 30 2.97 -15.97 2.56
C LEU C 30 1.89 -16.70 3.34
N LEU C 31 2.22 -17.90 3.80
CA LEU C 31 1.32 -18.72 4.65
C LEU C 31 1.71 -18.50 6.12
N LEU C 32 0.73 -18.14 6.95
CA LEU C 32 0.83 -18.16 8.43
C LEU C 32 -0.25 -19.09 8.98
N GLU C 33 0.14 -19.99 9.87
CA GLU C 33 -0.74 -21.05 10.42
C GLU C 33 -0.51 -21.11 11.94
N ILE C 34 -1.51 -20.73 12.72
CA ILE C 34 -1.42 -20.74 14.20
C ILE C 34 -2.35 -21.84 14.69
N THR C 35 -1.87 -22.62 15.63
CA THR C 35 -2.64 -23.69 16.30
C THR C 35 -2.52 -23.45 17.79
N ALA C 36 -3.58 -22.94 18.40
CA ALA C 36 -3.59 -22.41 19.77
C ALA C 36 -4.62 -23.18 20.58
N PRO C 37 -4.27 -23.55 21.82
CA PRO C 37 -5.27 -24.09 22.73
C PRO C 37 -6.35 -23.05 23.07
N GLY C 38 -7.61 -23.50 23.16
CA GLY C 38 -8.77 -22.69 23.61
C GLY C 38 -8.46 -21.94 24.89
N ALA C 39 -7.73 -22.56 25.82
CA ALA C 39 -7.31 -21.91 27.08
C ALA C 39 -6.56 -20.62 26.75
N ASP C 40 -5.73 -20.65 25.70
CA ASP C 40 -4.91 -19.47 25.33
C ASP C 40 -5.81 -18.38 24.73
N VAL C 41 -6.73 -18.73 23.83
CA VAL C 41 -7.41 -17.68 23.06
C VAL C 41 -8.63 -17.16 23.81
N VAL C 42 -9.45 -18.02 24.42
CA VAL C 42 -10.71 -17.55 25.07
C VAL C 42 -10.65 -17.74 26.58
N GLY C 43 -9.64 -18.47 27.08
CA GLY C 43 -9.44 -18.68 28.53
C GLY C 43 -10.23 -19.87 29.07
N PHE C 44 -10.76 -20.73 28.20
CA PHE C 44 -11.46 -21.97 28.62
C PHE C 44 -11.61 -22.88 27.40
N GLU C 45 -11.92 -24.15 27.65
CA GLU C 45 -12.02 -25.18 26.59
C GLU C 45 -13.27 -26.01 26.83
N HIS C 46 -14.41 -25.34 26.67
CA HIS C 46 -15.76 -25.96 26.74
C HIS C 46 -16.76 -24.93 26.26
N ALA C 47 -18.01 -25.35 26.08
CA ALA C 47 -19.13 -24.44 25.75
C ALA C 47 -19.12 -23.32 26.79
N PRO C 48 -19.28 -22.04 26.37
CA PRO C 48 -19.27 -20.95 27.32
C PRO C 48 -20.34 -21.21 28.41
N GLN C 49 -19.96 -21.02 29.67
CA GLN C 49 -20.83 -21.23 30.86
C GLN C 49 -21.76 -20.02 31.07
N ASP C 50 -21.46 -18.86 30.48
CA ASP C 50 -22.18 -17.59 30.76
C ASP C 50 -21.78 -16.51 29.75
N ASP C 51 -22.32 -15.30 29.92
CA ASP C 51 -22.15 -14.18 28.95
C ASP C 51 -20.69 -13.76 28.91
N ALA C 52 -20.00 -13.71 30.06
CA ALA C 52 -18.56 -13.35 30.14
C ALA C 52 -17.80 -14.23 29.14
N GLN C 53 -18.00 -15.54 29.26
CA GLN C 53 -17.29 -16.54 28.44
C GLN C 53 -17.78 -16.42 26.99
N LYS C 54 -19.07 -16.16 26.78
CA LYS C 54 -19.62 -15.91 25.42
C LYS C 54 -18.91 -14.69 24.82
N GLN C 55 -18.81 -13.61 25.59
CA GLN C 55 -18.18 -12.35 25.13
C GLN C 55 -16.72 -12.62 24.80
N ALA C 56 -16.05 -13.48 25.58
CA ALA C 56 -14.60 -13.75 25.42
C ALA C 56 -14.39 -14.53 24.13
N LEU C 57 -15.32 -15.43 23.79
CA LEU C 57 -15.30 -16.17 22.51
C LEU C 57 -15.57 -15.19 21.35
N GLU C 58 -16.56 -14.32 21.49
CA GLU C 58 -16.91 -13.30 20.47
C GLU C 58 -15.67 -12.45 20.14
N LYS C 59 -15.00 -11.89 21.15
CA LYS C 59 -13.85 -10.95 20.96
C LYS C 59 -12.68 -11.71 20.31
N ALA C 60 -12.48 -12.97 20.70
CA ALA C 60 -11.35 -13.79 20.17
C ALA C 60 -11.62 -14.10 18.69
N LEU C 61 -12.79 -14.65 18.37
CA LEU C 61 -13.14 -14.99 16.98
C LEU C 61 -12.97 -13.73 16.14
N GLU C 62 -13.49 -12.61 16.62
CA GLU C 62 -13.31 -11.30 15.96
C GLU C 62 -11.81 -11.09 15.66
N THR C 63 -10.97 -11.15 16.68
CA THR C 63 -9.52 -10.86 16.54
C THR C 63 -8.91 -11.78 15.50
N LEU C 64 -9.40 -13.02 15.40
CA LEU C 64 -8.69 -14.08 14.67
C LEU C 64 -8.90 -13.93 13.15
N HIS C 65 -9.88 -13.13 12.69
CA HIS C 65 -10.03 -12.90 11.22
C HIS C 65 -9.32 -11.58 10.86
N HIS C 66 -8.40 -11.13 11.70
CA HIS C 66 -7.58 -9.93 11.43
C HIS C 66 -6.10 -10.27 11.58
N PRO C 67 -5.51 -11.06 10.66
CA PRO C 67 -4.10 -11.41 10.76
C PRO C 67 -3.20 -10.17 10.60
N GLU C 68 -3.66 -9.16 9.88
CA GLU C 68 -2.95 -7.85 9.78
C GLU C 68 -2.73 -7.31 11.18
N LYS C 69 -3.67 -7.56 12.07
CA LYS C 69 -3.65 -7.04 13.46
C LYS C 69 -2.75 -7.92 14.34
N LEU C 70 -2.53 -9.17 13.97
CA LEU C 70 -1.77 -10.14 14.81
C LEU C 70 -0.35 -10.28 14.31
N PHE C 71 -0.10 -9.98 13.03
CA PHE C 71 1.24 -10.11 12.40
C PHE C 71 1.48 -8.88 11.55
N ALA C 72 2.26 -7.95 12.10
CA ALA C 72 2.74 -6.72 11.43
C ALA C 72 3.60 -7.12 10.24
N LEU C 73 3.06 -7.05 9.03
CA LEU C 73 3.83 -7.21 7.77
C LEU C 73 4.22 -5.81 7.27
N SER C 74 5.48 -5.65 6.89
CA SER C 74 6.03 -4.38 6.33
C SER C 74 5.13 -3.89 5.20
N ASP C 75 4.65 -2.64 5.31
CA ASP C 75 3.94 -1.94 4.20
C ASP C 75 4.72 -2.15 2.90
N LYS C 76 6.06 -2.10 2.98
CA LYS C 76 6.99 -2.13 1.83
C LYS C 76 6.84 -3.47 1.09
N ALA C 77 6.33 -4.51 1.76
CA ALA C 77 6.15 -5.83 1.12
C ALA C 77 4.82 -5.87 0.36
N GLN C 78 4.01 -4.81 0.48
CA GLN C 78 2.58 -4.78 0.08
C GLN C 78 2.05 -6.23 0.06
N CYS C 79 1.65 -6.70 1.23
CA CYS C 79 0.98 -8.00 1.40
C CYS C 79 -0.51 -7.75 1.55
N GLU C 80 -1.35 -8.46 0.79
CA GLU C 80 -2.82 -8.33 0.90
C GLU C 80 -3.41 -9.69 1.29
N LYS C 81 -4.38 -9.68 2.20
CA LYS C 81 -5.14 -10.90 2.59
C LYS C 81 -5.77 -11.54 1.36
N ARG C 82 -5.69 -12.85 1.26
CA ARG C 82 -6.35 -13.58 0.16
C ARG C 82 -7.27 -14.64 0.75
N GLU C 83 -6.75 -15.42 1.68
CA GLU C 83 -7.56 -16.45 2.37
C GLU C 83 -7.38 -16.29 3.87
N VAL C 84 -8.47 -16.45 4.60
CA VAL C 84 -8.48 -16.48 6.08
C VAL C 84 -9.34 -17.66 6.50
N LEU C 85 -8.74 -18.67 7.13
CA LEU C 85 -9.46 -19.85 7.65
C LEU C 85 -9.36 -19.83 9.19
N ILE C 86 -10.50 -20.04 9.86
CA ILE C 86 -10.55 -20.17 11.33
C ILE C 86 -11.33 -21.44 11.67
N LYS C 87 -10.75 -22.32 12.45
CA LYS C 87 -11.37 -23.60 12.85
C LYS C 87 -11.30 -23.69 14.38
N HIS C 88 -12.45 -23.70 15.05
CA HIS C 88 -12.55 -23.93 16.50
C HIS C 88 -13.01 -25.37 16.71
N THR C 89 -12.15 -26.21 17.26
CA THR C 89 -12.48 -27.61 17.57
C THR C 89 -12.66 -27.71 19.09
N LEU C 90 -13.79 -28.24 19.55
CA LEU C 90 -13.99 -28.47 20.99
C LEU C 90 -14.05 -29.96 21.32
N GLY C 91 -14.35 -30.82 20.33
CA GLY C 91 -14.29 -32.29 20.47
C GLY C 91 -12.88 -32.75 20.80
N GLU C 94 -10.62 -36.22 21.03
CA GLU C 94 -11.37 -37.40 21.51
C GLU C 94 -12.80 -37.40 20.95
N TYR C 95 -13.42 -38.58 20.90
CA TYR C 95 -14.85 -38.73 20.57
C TYR C 95 -15.66 -38.89 21.86
N GLN C 96 -15.35 -38.08 22.88
CA GLN C 96 -16.17 -37.97 24.12
C GLN C 96 -17.63 -37.65 23.75
N HIS C 97 -18.57 -37.94 24.63
CA HIS C 97 -20.02 -37.68 24.42
C HIS C 97 -20.48 -36.42 25.18
N SER C 98 -21.72 -35.97 24.93
CA SER C 98 -22.36 -34.77 25.54
C SER C 98 -21.42 -33.55 25.48
N HIS C 99 -20.91 -33.11 26.66
CA HIS C 99 -20.10 -31.89 26.80
C HIS C 99 -18.62 -32.25 26.65
N ALA C 100 -17.93 -31.64 25.69
CA ALA C 100 -16.51 -31.89 25.42
C ALA C 100 -15.63 -30.96 26.26
N TYR C 101 -14.42 -31.45 26.56
CA TYR C 101 -13.31 -30.64 27.13
C TYR C 101 -12.03 -30.99 26.37
N GLY C 102 -11.46 -30.02 25.64
CA GLY C 102 -10.24 -30.21 24.82
C GLY C 102 -10.24 -29.35 23.57
N GLY C 103 -10.37 -28.04 23.76
CA GLY C 103 -10.56 -27.09 22.68
C GLY C 103 -9.27 -26.67 22.02
N SER C 104 -9.29 -26.53 20.70
CA SER C 104 -8.16 -25.96 19.95
C SER C 104 -8.68 -24.98 18.90
N PHE C 105 -7.89 -23.96 18.61
CA PHE C 105 -8.12 -23.06 17.46
C PHE C 105 -7.00 -23.26 16.44
N THR C 106 -7.36 -23.47 15.18
CA THR C 106 -6.41 -23.35 14.05
C THR C 106 -6.84 -22.16 13.21
N ALA C 107 -5.91 -21.27 12.91
CA ALA C 107 -6.15 -20.16 11.98
C ALA C 107 -5.07 -20.22 10.91
N GLN C 108 -5.51 -20.16 9.66
CA GLN C 108 -4.63 -20.12 8.46
C GLN C 108 -4.84 -18.78 7.80
N TYR C 109 -3.74 -18.13 7.47
CA TYR C 109 -3.75 -16.83 6.76
C TYR C 109 -2.88 -16.95 5.52
N GLN C 110 -3.44 -16.57 4.38
CA GLN C 110 -2.70 -16.54 3.11
C GLN C 110 -2.61 -15.09 2.69
N PHE C 111 -1.37 -14.62 2.51
CA PHE C 111 -1.10 -13.32 1.87
C PHE C 111 -0.48 -13.59 0.51
N HIS C 112 -0.81 -12.74 -0.45
CA HIS C 112 -0.05 -12.61 -1.72
C HIS C 112 0.70 -11.29 -1.60
N CYS C 113 2.02 -11.36 -1.49
CA CYS C 113 2.90 -10.16 -1.44
C CYS C 113 3.58 -9.99 -2.81
N GLU C 114 3.35 -8.87 -3.48
CA GLU C 114 4.02 -8.60 -4.78
C GLU C 114 5.47 -8.16 -4.52
N ALA C 115 5.71 -7.36 -3.49
CA ALA C 115 7.07 -6.92 -3.07
C ALA C 115 7.58 -7.82 -1.94
N VAL C 116 7.54 -9.14 -2.12
CA VAL C 116 7.84 -10.12 -1.04
C VAL C 116 9.26 -9.90 -0.51
N ASP C 117 10.19 -9.53 -1.39
CA ASP C 117 11.63 -9.34 -1.01
C ASP C 117 11.69 -8.35 0.16
N GLN C 118 10.76 -7.40 0.21
CA GLN C 118 10.81 -6.29 1.20
C GLN C 118 10.37 -6.76 2.60
N LEU C 119 9.70 -7.90 2.72
CA LEU C 119 9.35 -8.42 4.06
C LEU C 119 10.60 -9.02 4.67
N LYS C 120 11.29 -8.26 5.51
CA LYS C 120 12.58 -8.65 6.14
C LYS C 120 12.29 -9.38 7.45
N GLN C 121 11.26 -8.97 8.16
CA GLN C 121 10.87 -9.60 9.43
C GLN C 121 9.37 -9.44 9.67
N ILE C 122 8.87 -10.13 10.69
CA ILE C 122 7.47 -10.02 11.18
C ILE C 122 7.52 -9.80 12.69
N ASP C 123 6.75 -8.84 13.19
CA ASP C 123 6.61 -8.59 14.64
C ASP C 123 5.22 -9.03 15.09
N THR C 124 5.09 -10.17 15.73
CA THR C 124 3.76 -10.73 16.09
C THR C 124 3.22 -10.04 17.33
N GLN C 125 1.94 -9.67 17.30
CA GLN C 125 1.24 -9.01 18.42
C GLN C 125 0.38 -10.04 19.16
N TRP C 126 0.52 -11.32 18.83
CA TRP C 126 -0.28 -12.41 19.44
C TRP C 126 -0.39 -12.22 20.97
N PHE C 127 0.73 -12.00 21.65
CA PHE C 127 0.77 -11.93 23.12
C PHE C 127 0.01 -10.70 23.61
N GLN C 128 -0.04 -9.63 22.80
CA GLN C 128 -0.85 -8.44 23.16
C GLN C 128 -2.32 -8.85 23.24
N TYR C 129 -2.79 -9.66 22.29
CA TYR C 129 -4.24 -9.97 22.16
C TYR C 129 -4.59 -11.21 22.97
N PHE C 130 -3.62 -12.09 23.24
CA PHE C 130 -3.85 -13.40 23.88
C PHE C 130 -2.80 -13.60 24.95
N PRO C 131 -2.87 -12.81 26.04
CA PRO C 131 -1.81 -12.79 27.05
C PRO C 131 -1.59 -14.11 27.78
N SER C 132 -2.58 -14.99 27.85
CA SER C 132 -2.42 -16.31 28.51
C SER C 132 -1.40 -17.16 27.74
N THR C 133 -1.10 -16.82 26.49
CA THR C 133 -0.01 -17.51 25.76
C THR C 133 1.32 -17.11 26.39
N GLU C 134 2.21 -18.07 26.59
CA GLU C 134 3.54 -17.83 27.20
C GLU C 134 4.62 -18.00 26.13
N LYS C 135 4.42 -18.93 25.20
CA LYS C 135 5.42 -19.20 24.14
C LYS C 135 4.70 -19.50 22.84
N ILE C 136 5.28 -19.03 21.74
CA ILE C 136 4.96 -19.54 20.39
C ILE C 136 6.16 -20.35 19.91
N GLN C 137 5.95 -21.62 19.57
CA GLN C 137 6.90 -22.38 18.74
C GLN C 137 6.72 -21.94 17.29
N ALA C 138 7.69 -21.20 16.73
CA ALA C 138 7.63 -20.71 15.35
C ALA C 138 8.51 -21.58 14.46
N ASN C 139 7.96 -22.06 13.35
CA ASN C 139 8.74 -22.65 12.24
C ASN C 139 8.59 -21.72 11.05
N VAL C 140 9.71 -21.33 10.46
CA VAL C 140 9.76 -20.45 9.28
C VAL C 140 10.38 -21.23 8.13
N LEU C 141 9.66 -21.37 7.03
CA LEU C 141 10.17 -22.01 5.80
C LEU C 141 10.12 -20.99 4.67
N THR C 142 11.26 -20.71 4.06
CA THR C 142 11.37 -19.86 2.85
C THR C 142 11.97 -20.71 1.72
N GLU C 143 12.06 -20.13 0.53
CA GLU C 143 12.89 -20.68 -0.58
C GLU C 143 14.28 -20.97 -0.02
N LYS C 144 14.83 -20.03 0.75
CA LYS C 144 16.24 -20.06 1.19
C LYS C 144 16.38 -20.95 2.44
N GLN C 145 15.75 -20.55 3.54
CA GLN C 145 16.05 -21.11 4.88
C GLN C 145 14.81 -21.75 5.49
N GLN C 146 15.02 -22.86 6.18
CA GLN C 146 14.03 -23.51 7.06
C GLN C 146 14.57 -23.38 8.49
N SER C 147 13.92 -22.59 9.33
CA SER C 147 14.41 -22.31 10.69
C SER C 147 13.26 -22.35 11.69
N ALA C 148 13.60 -22.16 12.96
CA ALA C 148 12.72 -22.35 14.12
C ALA C 148 13.18 -21.40 15.21
N LEU C 149 12.23 -20.89 15.97
CA LEU C 149 12.55 -20.10 17.17
C LEU C 149 11.37 -20.14 18.14
N GLN C 150 11.66 -19.83 19.38
CA GLN C 150 10.64 -19.73 20.44
C GLN C 150 10.42 -18.26 20.77
N LEU C 151 9.20 -17.78 20.53
CA LEU C 151 8.82 -16.38 20.84
C LEU C 151 8.21 -16.33 22.23
N ASN C 152 8.15 -15.12 22.78
CA ASN C 152 7.43 -14.81 24.03
C ASN C 152 7.03 -13.34 23.99
N ALA C 153 6.29 -12.92 25.00
CA ALA C 153 5.60 -11.61 25.00
C ALA C 153 6.62 -10.48 24.84
N LYS C 154 7.90 -10.71 25.17
CA LYS C 154 8.95 -9.67 25.03
C LYS C 154 9.79 -9.89 23.77
N GLN C 155 9.73 -11.08 23.18
CA GLN C 155 10.58 -11.45 22.02
C GLN C 155 9.66 -11.95 20.92
N THR C 156 9.12 -11.02 20.16
CA THR C 156 8.02 -11.24 19.21
C THR C 156 8.55 -11.17 17.78
N LEU C 157 9.84 -10.87 17.60
CA LEU C 157 10.40 -10.63 16.25
C LEU C 157 10.66 -11.96 15.55
N ILE C 158 10.23 -12.06 14.30
CA ILE C 158 10.51 -13.22 13.43
C ILE C 158 11.30 -12.71 12.23
N LYS C 159 12.47 -13.30 11.99
CA LYS C 159 13.26 -12.97 10.79
C LYS C 159 12.80 -13.84 9.63
N LEU C 160 12.50 -13.22 8.50
CA LEU C 160 12.20 -13.95 7.24
C LEU C 160 13.49 -14.04 6.44
N HIS D 14 18.37 19.97 21.63
CA HIS D 14 17.82 21.25 21.11
C HIS D 14 18.03 22.32 22.17
N VAL D 15 19.11 23.10 22.05
CA VAL D 15 19.49 24.15 23.02
C VAL D 15 19.41 25.51 22.32
N HIS D 16 18.72 26.47 22.95
CA HIS D 16 18.43 27.79 22.34
C HIS D 16 19.72 28.58 22.25
N GLY D 17 20.06 29.04 21.04
CA GLY D 17 21.30 29.80 20.74
C GLY D 17 22.41 28.88 20.29
N GLN D 18 22.16 27.57 20.19
CA GLN D 18 23.12 26.60 19.63
C GLN D 18 22.53 26.03 18.33
N VAL D 19 23.34 25.98 17.28
CA VAL D 19 22.96 25.43 15.96
C VAL D 19 23.95 24.32 15.64
N GLU D 20 23.46 23.24 15.04
CA GLU D 20 24.33 22.13 14.59
C GLU D 20 24.56 22.33 13.09
N LEU D 21 25.79 22.11 12.66
CA LEU D 21 26.18 22.14 11.23
C LEU D 21 27.01 20.88 10.95
N ASN D 22 26.57 20.08 9.99
CA ASN D 22 27.31 18.87 9.57
C ASN D 22 27.69 19.07 8.13
N ILE D 23 28.97 18.90 7.82
CA ILE D 23 29.51 19.03 6.44
C ILE D 23 30.10 17.70 6.04
N ALA D 24 29.79 17.24 4.84
CA ALA D 24 30.32 15.99 4.26
C ALA D 24 30.87 16.31 2.88
N GLN D 25 32.12 15.93 2.65
CA GLN D 25 32.69 15.91 1.28
C GLN D 25 32.94 14.46 0.87
N ASP D 26 32.37 14.06 -0.25
CA ASP D 26 32.56 12.72 -0.86
C ASP D 26 32.76 12.96 -2.36
N GLY D 27 33.99 12.81 -2.83
CA GLY D 27 34.35 13.10 -4.23
C GLY D 27 34.11 14.55 -4.52
N HIS D 28 33.30 14.83 -5.55
CA HIS D 28 33.00 16.20 -6.02
C HIS D 28 31.82 16.79 -5.25
N ASP D 29 31.12 15.99 -4.45
CA ASP D 29 29.90 16.44 -3.74
C ASP D 29 30.28 17.12 -2.43
N LEU D 30 29.49 18.12 -2.07
CA LEU D 30 29.56 18.78 -0.75
C LEU D 30 28.15 18.88 -0.19
N LEU D 31 27.94 18.38 1.02
CA LEU D 31 26.62 18.41 1.68
C LEU D 31 26.75 19.23 2.96
N LEU D 32 25.91 20.26 3.08
CA LEU D 32 25.78 21.09 4.30
C LEU D 32 24.39 20.85 4.87
N GLU D 33 24.33 20.54 6.16
CA GLU D 33 23.08 20.31 6.91
C GLU D 33 23.09 21.24 8.13
N ILE D 34 22.22 22.22 8.14
CA ILE D 34 22.01 23.11 9.31
C ILE D 34 20.75 22.67 10.05
N THR D 35 20.84 22.59 11.37
CA THR D 35 19.67 22.32 12.24
C THR D 35 19.68 23.40 13.31
N ALA D 36 18.67 24.26 13.32
CA ALA D 36 18.65 25.48 14.17
C ALA D 36 17.32 25.54 14.91
N PRO D 37 17.36 25.77 16.23
CA PRO D 37 16.14 26.10 16.97
C PRO D 37 15.38 27.27 16.34
N GLY D 38 14.07 27.14 16.25
CA GLY D 38 13.18 28.24 15.80
C GLY D 38 13.46 29.51 16.57
N ALA D 39 13.79 29.38 17.86
CA ALA D 39 14.16 30.53 18.71
C ALA D 39 15.28 31.30 18.03
N ASP D 40 16.16 30.63 17.30
CA ASP D 40 17.34 31.30 16.68
C ASP D 40 16.96 31.89 15.32
N VAL D 41 16.26 31.13 14.48
CA VAL D 41 16.06 31.58 13.07
C VAL D 41 14.91 32.59 13.01
N VAL D 42 13.91 32.46 13.88
CA VAL D 42 12.68 33.29 13.75
C VAL D 42 12.27 33.88 15.10
N GLY D 43 12.70 33.31 16.22
CA GLY D 43 12.55 33.97 17.54
C GLY D 43 11.27 33.57 18.27
N PHE D 44 10.60 32.51 17.82
CA PHE D 44 9.53 31.82 18.59
C PHE D 44 9.52 30.36 18.16
N GLU D 45 8.92 29.49 18.96
CA GLU D 45 8.77 28.07 18.60
C GLU D 45 7.31 27.66 18.78
N HIS D 46 6.44 28.16 17.92
CA HIS D 46 5.00 27.79 17.87
C HIS D 46 4.40 28.25 16.54
N ALA D 47 3.19 27.80 16.22
CA ALA D 47 2.46 28.30 15.05
C ALA D 47 2.47 29.82 15.13
N PRO D 48 2.82 30.56 14.05
CA PRO D 48 2.89 32.01 14.14
C PRO D 48 1.54 32.60 14.57
N GLN D 49 1.57 33.56 15.48
CA GLN D 49 0.36 34.23 16.01
C GLN D 49 0.28 35.67 15.45
N ASP D 50 1.27 36.51 15.75
CA ASP D 50 1.26 37.95 15.37
C ASP D 50 1.63 38.09 13.89
N ASP D 51 1.71 39.33 13.40
CA ASP D 51 2.12 39.60 12.00
C ASP D 51 3.63 39.45 11.89
N ALA D 52 4.38 40.10 12.79
CA ALA D 52 5.87 40.00 12.86
C ALA D 52 6.27 38.52 12.93
N GLN D 53 5.45 37.68 13.57
CA GLN D 53 5.71 36.23 13.67
C GLN D 53 5.60 35.61 12.27
N LYS D 54 4.51 35.86 11.56
CA LYS D 54 4.29 35.28 10.21
C LYS D 54 5.40 35.76 9.27
N GLN D 55 5.83 37.02 9.38
CA GLN D 55 6.78 37.66 8.43
C GLN D 55 8.21 37.24 8.77
N ALA D 56 8.55 37.14 10.05
CA ALA D 56 9.83 36.57 10.50
C ALA D 56 10.00 35.21 9.82
N LEU D 57 8.90 34.44 9.76
CA LEU D 57 8.90 33.09 9.13
C LEU D 57 9.22 33.26 7.64
N GLU D 58 8.49 34.14 6.94
CA GLU D 58 8.68 34.40 5.49
C GLU D 58 10.14 34.77 5.25
N LYS D 59 10.70 35.60 6.13
CA LYS D 59 12.09 36.13 6.02
C LYS D 59 13.08 34.98 6.18
N ALA D 60 12.96 34.19 7.25
CA ALA D 60 13.87 33.08 7.55
C ALA D 60 13.77 32.05 6.44
N LEU D 61 12.55 31.70 6.04
CA LEU D 61 12.34 30.65 5.02
C LEU D 61 13.01 31.10 3.73
N GLU D 62 12.87 32.36 3.33
CA GLU D 62 13.44 32.87 2.04
C GLU D 62 14.96 32.82 2.17
N THR D 63 15.49 33.29 3.28
CA THR D 63 16.95 33.27 3.55
C THR D 63 17.49 31.84 3.45
N LEU D 64 16.76 30.87 3.98
CA LEU D 64 17.29 29.51 4.20
C LEU D 64 17.49 28.79 2.88
N HIS D 65 16.79 29.17 1.81
CA HIS D 65 16.98 28.49 0.50
C HIS D 65 18.07 29.18 -0.32
N HIS D 66 18.90 30.03 0.31
CA HIS D 66 20.05 30.69 -0.36
C HIS D 66 21.32 30.26 0.37
N PRO D 67 21.74 29.00 0.22
CA PRO D 67 22.99 28.57 0.85
C PRO D 67 24.12 29.57 0.57
N GLU D 68 24.17 30.14 -0.64
CA GLU D 68 25.27 31.03 -1.07
C GLU D 68 25.32 32.28 -0.18
N LYS D 69 24.25 32.62 0.52
CA LYS D 69 24.30 33.73 1.51
C LYS D 69 24.84 33.24 2.86
N LEU D 70 24.62 31.97 3.21
CA LEU D 70 24.96 31.46 4.56
C LEU D 70 26.38 30.92 4.54
N PHE D 71 26.86 30.45 3.40
CA PHE D 71 28.17 29.77 3.30
C PHE D 71 28.94 30.27 2.09
N ALA D 72 30.13 30.79 2.33
CA ALA D 72 31.04 31.30 1.29
C ALA D 72 31.85 30.11 0.74
N LEU D 73 31.41 29.54 -0.37
CA LEU D 73 32.23 28.56 -1.13
C LEU D 73 33.05 29.34 -2.15
N SER D 74 34.38 29.30 -2.02
CA SER D 74 35.35 29.88 -2.98
C SER D 74 34.93 29.56 -4.41
N ASP D 75 34.90 30.57 -5.29
CA ASP D 75 34.48 30.38 -6.71
C ASP D 75 35.35 29.29 -7.33
N LYS D 76 36.66 29.27 -7.04
CA LYS D 76 37.63 28.33 -7.65
C LYS D 76 37.19 26.88 -7.45
N ALA D 77 36.34 26.59 -6.47
CA ALA D 77 35.85 25.21 -6.25
C ALA D 77 34.86 24.83 -7.36
N GLN D 78 34.24 25.82 -8.03
CA GLN D 78 33.18 25.59 -9.07
C GLN D 78 32.10 24.71 -8.46
N CYS D 79 31.50 25.19 -7.38
CA CYS D 79 30.47 24.45 -6.61
C CYS D 79 29.09 24.86 -7.15
N GLU D 80 28.38 23.91 -7.74
CA GLU D 80 27.03 24.15 -8.29
C GLU D 80 26.01 23.60 -7.29
N LYS D 81 25.01 24.40 -6.93
CA LYS D 81 23.80 23.91 -6.23
C LYS D 81 23.25 22.68 -6.95
N ARG D 82 22.81 21.68 -6.20
CA ARG D 82 22.14 20.49 -6.79
C ARG D 82 20.90 20.14 -5.98
N GLU D 83 20.88 20.43 -4.69
CA GLU D 83 19.72 20.15 -3.82
C GLU D 83 19.63 21.25 -2.77
N VAL D 84 18.44 21.80 -2.61
CA VAL D 84 18.11 22.70 -1.49
C VAL D 84 16.91 22.11 -0.79
N LEU D 85 17.05 21.79 0.49
CA LEU D 85 15.97 21.19 1.28
C LEU D 85 15.81 22.09 2.50
N ILE D 86 14.58 22.52 2.74
CA ILE D 86 14.21 23.32 3.94
C ILE D 86 13.16 22.52 4.70
N LYS D 87 13.33 22.38 6.02
CA LYS D 87 12.35 21.71 6.89
C LYS D 87 12.13 22.58 8.11
N HIS D 88 10.87 22.84 8.42
CA HIS D 88 10.43 23.53 9.65
C HIS D 88 9.50 22.60 10.43
N THR D 89 9.96 22.06 11.55
CA THR D 89 9.17 21.12 12.37
C THR D 89 8.75 21.84 13.64
N LEU D 90 7.57 21.50 14.15
CA LEU D 90 7.00 22.08 15.38
C LEU D 90 6.91 21.00 16.45
N GLY D 91 6.41 19.81 16.12
CA GLY D 91 6.22 18.73 17.11
C GLY D 91 7.34 17.69 17.06
N GLY D 92 8.58 18.08 17.33
CA GLY D 92 9.76 17.21 17.14
C GLY D 92 9.99 16.30 18.32
N GLU D 93 10.32 16.89 19.48
CA GLU D 93 10.87 16.18 20.65
C GLU D 93 9.78 15.47 21.48
N GLU D 94 8.51 15.81 21.31
CA GLU D 94 7.41 15.17 22.10
C GLU D 94 6.11 15.31 21.30
N TYR D 95 5.46 14.18 21.02
CA TYR D 95 4.13 14.14 20.36
C TYR D 95 3.19 15.06 21.13
N GLN D 96 2.58 16.02 20.44
CA GLN D 96 1.82 17.10 21.10
C GLN D 96 0.46 17.25 20.46
N HIS D 97 -0.56 17.43 21.31
CA HIS D 97 -1.97 17.62 20.87
C HIS D 97 -2.26 19.11 20.78
N SER D 98 -3.25 19.46 19.96
CA SER D 98 -3.78 20.82 19.81
C SER D 98 -2.63 21.69 19.28
N HIS D 99 -2.09 22.63 20.07
CA HIS D 99 -1.05 23.58 19.58
C HIS D 99 0.34 23.18 20.12
N ALA D 100 1.28 22.85 19.23
CA ALA D 100 2.64 22.36 19.59
C ALA D 100 3.54 23.53 19.96
N TYR D 101 4.63 23.24 20.68
CA TYR D 101 5.58 24.29 21.14
C TYR D 101 7.04 23.91 20.94
N GLY D 102 7.40 22.67 20.61
CA GLY D 102 8.74 22.40 20.04
C GLY D 102 9.04 23.36 18.88
N GLY D 103 10.18 23.20 18.21
CA GLY D 103 10.42 24.01 17.03
C GLY D 103 11.84 23.97 16.55
N SER D 104 12.06 23.50 15.33
CA SER D 104 13.42 23.41 14.75
C SER D 104 13.35 23.69 13.25
N PHE D 105 14.40 24.31 12.73
CA PHE D 105 14.62 24.49 11.26
C PHE D 105 15.82 23.66 10.84
N THR D 106 15.66 22.92 9.76
CA THR D 106 16.75 22.15 9.14
C THR D 106 16.85 22.61 7.69
N ALA D 107 18.05 22.94 7.26
CA ALA D 107 18.36 23.25 5.86
C ALA D 107 19.50 22.36 5.42
N GLN D 108 19.37 21.79 4.23
CA GLN D 108 20.27 20.76 3.70
C GLN D 108 20.64 21.20 2.29
N TYR D 109 21.94 21.32 2.01
CA TYR D 109 22.44 21.84 0.72
C TYR D 109 23.45 20.84 0.16
N GLN D 110 23.20 20.39 -1.06
CA GLN D 110 24.16 19.53 -1.78
C GLN D 110 24.75 20.34 -2.92
N PHE D 111 26.07 20.32 -3.06
CA PHE D 111 26.75 20.95 -4.21
C PHE D 111 27.57 19.92 -4.95
N HIS D 112 27.64 20.06 -6.27
CA HIS D 112 28.67 19.42 -7.11
C HIS D 112 29.78 20.44 -7.33
N CYS D 113 30.99 20.13 -6.90
CA CYS D 113 32.16 21.02 -7.08
C CYS D 113 33.14 20.36 -8.04
N GLU D 114 33.24 20.88 -9.26
CA GLU D 114 34.08 20.28 -10.33
C GLU D 114 35.56 20.37 -9.93
N ALA D 115 35.96 21.41 -9.19
CA ALA D 115 37.32 21.54 -8.64
C ALA D 115 37.26 21.51 -7.11
N VAL D 116 36.85 20.36 -6.56
CA VAL D 116 36.52 20.25 -5.10
C VAL D 116 37.79 20.45 -4.28
N ASP D 117 38.95 20.12 -4.83
CA ASP D 117 40.23 20.21 -4.07
C ASP D 117 40.60 21.68 -3.87
N GLN D 118 40.08 22.58 -4.70
CA GLN D 118 40.28 24.04 -4.50
C GLN D 118 39.46 24.54 -3.30
N LEU D 119 38.52 23.75 -2.79
CA LEU D 119 37.71 24.17 -1.62
C LEU D 119 38.50 23.81 -0.35
N LYS D 120 39.15 24.79 0.24
CA LYS D 120 40.07 24.62 1.39
C LYS D 120 39.36 24.99 2.70
N GLN D 121 38.32 25.81 2.61
CA GLN D 121 37.62 26.28 3.82
C GLN D 121 36.30 26.92 3.42
N ILE D 122 35.39 27.02 4.39
CA ILE D 122 34.11 27.75 4.27
C ILE D 122 34.13 28.83 5.34
N ASP D 123 33.40 29.93 5.13
CA ASP D 123 33.42 31.07 6.07
C ASP D 123 32.09 31.19 6.86
N THR D 124 30.98 30.66 6.35
CA THR D 124 29.66 30.70 7.05
C THR D 124 29.28 32.11 7.49
N GLN D 125 28.16 32.61 6.98
CA GLN D 125 27.61 33.95 7.32
C GLN D 125 26.40 33.79 8.27
N TRP D 126 26.09 32.56 8.70
CA TRP D 126 24.95 32.27 9.60
C TRP D 126 24.79 33.34 10.68
N PHE D 127 25.86 33.67 11.39
CA PHE D 127 25.77 34.61 12.55
C PHE D 127 25.32 36.00 12.09
N GLN D 128 25.45 36.32 10.80
CA GLN D 128 25.00 37.65 10.30
C GLN D 128 23.49 37.65 10.00
N TYR D 129 22.95 36.56 9.47
CA TYR D 129 21.50 36.46 9.18
C TYR D 129 20.72 36.01 10.42
N PHE D 130 21.35 35.30 11.35
CA PHE D 130 20.65 34.74 12.52
C PHE D 130 21.47 35.03 13.77
N PRO D 131 21.50 36.30 14.22
CA PRO D 131 22.36 36.72 15.33
C PRO D 131 21.90 36.27 16.73
N SER D 132 20.77 35.59 16.84
CA SER D 132 20.37 34.88 18.09
C SER D 132 21.39 33.77 18.36
N THR D 133 21.99 33.23 17.30
CA THR D 133 22.87 32.05 17.43
C THR D 133 24.12 32.49 18.19
N GLU D 134 24.44 31.78 19.27
CA GLU D 134 25.67 31.99 20.07
C GLU D 134 26.77 31.10 19.52
N LYS D 135 26.47 29.83 19.25
CA LYS D 135 27.49 28.82 18.87
C LYS D 135 26.93 27.92 17.79
N ILE D 136 27.78 27.54 16.84
CA ILE D 136 27.52 26.42 15.93
C ILE D 136 28.42 25.27 16.36
N GLN D 137 27.83 24.11 16.57
CA GLN D 137 28.59 22.85 16.72
C GLN D 137 28.73 22.27 15.32
N ALA D 138 29.93 22.38 14.76
CA ALA D 138 30.22 21.93 13.39
C ALA D 138 30.94 20.59 13.43
N ASN D 139 30.46 19.63 12.64
CA ASN D 139 31.18 18.39 12.31
C ASN D 139 31.51 18.43 10.82
N VAL D 140 32.73 18.06 10.49
CA VAL D 140 33.24 18.02 9.10
C VAL D 140 33.69 16.60 8.83
N LEU D 141 33.26 16.07 7.70
CA LEU D 141 33.62 14.70 7.30
C LEU D 141 34.04 14.78 5.84
N THR D 142 35.27 14.40 5.56
CA THR D 142 35.74 14.20 4.17
C THR D 142 36.16 12.75 4.04
N GLU D 143 36.49 12.33 2.82
CA GLU D 143 37.02 10.98 2.55
C GLU D 143 38.29 10.78 3.39
N LYS D 144 38.90 11.85 3.88
CA LYS D 144 40.24 11.82 4.49
C LYS D 144 40.18 12.02 6.01
N GLN D 145 39.44 13.00 6.49
CA GLN D 145 39.46 13.34 7.94
C GLN D 145 38.03 13.53 8.46
N GLN D 146 37.91 13.36 9.76
CA GLN D 146 36.66 13.68 10.50
C GLN D 146 37.07 14.59 11.64
N SER D 147 36.39 15.71 11.79
CA SER D 147 36.74 16.70 12.83
C SER D 147 35.49 17.43 13.28
N ALA D 148 35.61 18.10 14.40
CA ALA D 148 34.57 18.97 14.96
C ALA D 148 35.22 20.28 15.44
N LEU D 149 34.42 21.33 15.43
CA LEU D 149 34.85 22.63 15.96
C LEU D 149 33.59 23.43 16.31
N GLN D 150 33.78 24.42 17.16
CA GLN D 150 32.70 25.29 17.64
C GLN D 150 32.88 26.65 16.98
N LEU D 151 31.95 27.05 16.13
CA LEU D 151 31.98 28.39 15.50
C LEU D 151 31.28 29.37 16.45
N ASN D 152 31.78 30.60 16.47
CA ASN D 152 31.05 31.75 17.06
C ASN D 152 31.07 32.87 16.03
N ALA D 153 30.42 33.97 16.33
CA ALA D 153 30.23 35.10 15.40
C ALA D 153 31.59 35.65 14.97
N LYS D 154 32.64 35.45 15.75
CA LYS D 154 33.99 35.95 15.37
C LYS D 154 34.86 34.86 14.74
N GLN D 155 34.49 33.59 14.91
CA GLN D 155 35.31 32.46 14.41
C GLN D 155 34.38 31.56 13.61
N THR D 156 34.14 31.96 12.37
CA THR D 156 33.17 31.34 11.46
C THR D 156 33.90 30.48 10.44
N LEU D 157 35.22 30.35 10.53
CA LEU D 157 35.97 29.58 9.51
C LEU D 157 35.87 28.09 9.83
N ILE D 158 35.57 27.30 8.80
CA ILE D 158 35.53 25.83 8.85
C ILE D 158 36.57 25.36 7.86
N LYS D 159 37.41 24.42 8.24
CA LYS D 159 38.43 23.91 7.32
C LYS D 159 38.01 22.53 6.81
N LEU D 160 38.19 22.30 5.51
CA LEU D 160 37.90 21.00 4.87
C LEU D 160 39.22 20.30 4.61
N HIS E 14 -19.09 -22.71 -8.48
CA HIS E 14 -20.11 -21.83 -7.85
C HIS E 14 -20.85 -21.03 -8.92
N VAL E 15 -21.99 -20.44 -8.56
CA VAL E 15 -22.61 -19.32 -9.35
C VAL E 15 -23.41 -18.46 -8.37
N HIS E 16 -23.48 -17.15 -8.67
CA HIS E 16 -24.12 -16.10 -7.84
C HIS E 16 -25.62 -16.36 -7.77
N GLY E 17 -26.17 -16.26 -6.57
CA GLY E 17 -27.56 -16.65 -6.24
C GLY E 17 -27.64 -18.04 -5.62
N GLN E 18 -26.73 -18.96 -5.96
CA GLN E 18 -26.84 -20.40 -5.59
C GLN E 18 -25.73 -20.83 -4.61
N VAL E 19 -26.14 -21.17 -3.40
CA VAL E 19 -25.26 -21.69 -2.32
C VAL E 19 -25.35 -23.22 -2.29
N GLU E 20 -24.29 -23.90 -1.86
CA GLU E 20 -24.29 -25.38 -1.72
C GLU E 20 -24.28 -25.76 -0.23
N LEU E 21 -25.36 -26.34 0.25
CA LEU E 21 -25.47 -26.80 1.64
C LEU E 21 -25.42 -28.33 1.65
N ASN E 22 -24.38 -28.90 2.24
CA ASN E 22 -24.21 -30.37 2.40
C ASN E 22 -24.51 -30.72 3.86
N ILE E 23 -25.51 -31.57 4.08
CA ILE E 23 -25.82 -32.06 5.44
C ILE E 23 -25.59 -33.56 5.46
N ALA E 24 -24.79 -34.01 6.41
CA ALA E 24 -24.51 -35.44 6.64
C ALA E 24 -24.76 -35.72 8.11
N GLN E 25 -25.33 -36.88 8.41
CA GLN E 25 -25.57 -37.36 9.78
C GLN E 25 -24.84 -38.69 9.94
N ASP E 26 -24.13 -38.83 11.05
CA ASP E 26 -23.02 -39.80 11.24
C ASP E 26 -23.14 -40.37 12.66
N GLY E 27 -24.16 -41.18 12.90
CA GLY E 27 -24.52 -41.63 14.26
C GLY E 27 -25.00 -40.48 15.12
N HIS E 28 -24.24 -40.08 16.15
CA HIS E 28 -24.52 -38.88 16.97
C HIS E 28 -23.94 -37.62 16.32
N ASP E 29 -23.04 -37.79 15.33
CA ASP E 29 -22.31 -36.68 14.70
C ASP E 29 -23.14 -36.14 13.53
N LEU E 30 -23.18 -34.83 13.38
CA LEU E 30 -23.94 -34.17 12.29
C LEU E 30 -23.03 -33.12 11.66
N LEU E 31 -22.70 -33.25 10.38
CA LEU E 31 -21.86 -32.24 9.72
C LEU E 31 -22.70 -31.38 8.77
N LEU E 32 -22.70 -30.07 9.02
CA LEU E 32 -23.22 -29.05 8.07
C LEU E 32 -22.03 -28.44 7.34
N GLU E 33 -22.15 -28.32 6.02
CA GLU E 33 -21.14 -27.62 5.20
C GLU E 33 -21.89 -26.62 4.31
N ILE E 34 -21.44 -25.38 4.30
CA ILE E 34 -21.97 -24.30 3.44
C ILE E 34 -20.81 -23.75 2.63
N THR E 35 -21.01 -23.64 1.34
CA THR E 35 -20.14 -22.86 0.44
C THR E 35 -21.03 -21.85 -0.27
N ALA E 36 -20.74 -20.58 -0.09
CA ALA E 36 -21.54 -19.48 -0.63
C ALA E 36 -20.62 -18.46 -1.27
N PRO E 37 -20.83 -18.11 -2.55
CA PRO E 37 -20.05 -17.02 -3.16
C PRO E 37 -20.24 -15.70 -2.39
N GLY E 38 -19.22 -14.85 -2.47
CA GLY E 38 -19.27 -13.52 -1.82
C GLY E 38 -20.58 -12.82 -2.11
N ALA E 39 -21.06 -12.84 -3.36
CA ALA E 39 -22.24 -12.05 -3.78
C ALA E 39 -23.43 -12.46 -2.91
N ASP E 40 -23.52 -13.72 -2.50
CA ASP E 40 -24.74 -14.23 -1.82
C ASP E 40 -24.71 -13.93 -0.33
N VAL E 41 -23.54 -13.66 0.23
CA VAL E 41 -23.43 -13.43 1.69
C VAL E 41 -23.27 -11.93 1.94
N VAL E 42 -22.49 -11.25 1.10
CA VAL E 42 -22.06 -9.85 1.41
C VAL E 42 -22.57 -8.90 0.33
N GLY E 43 -22.85 -9.40 -0.88
CA GLY E 43 -23.46 -8.60 -1.96
C GLY E 43 -22.45 -8.14 -2.99
N PHE E 44 -21.25 -8.71 -2.99
CA PHE E 44 -20.16 -8.35 -3.93
C PHE E 44 -18.99 -9.32 -3.72
N GLU E 45 -18.17 -9.53 -4.73
CA GLU E 45 -17.13 -10.57 -4.70
C GLU E 45 -15.74 -9.94 -4.63
N HIS E 46 -15.63 -8.64 -4.91
CA HIS E 46 -14.36 -7.88 -4.84
C HIS E 46 -14.02 -7.62 -3.37
N ALA E 47 -12.79 -7.18 -3.10
CA ALA E 47 -12.37 -6.82 -1.73
C ALA E 47 -13.23 -5.66 -1.28
N PRO E 48 -13.53 -5.57 0.04
CA PRO E 48 -14.26 -4.42 0.57
C PRO E 48 -13.47 -3.12 0.33
N GLN E 49 -14.14 -2.08 -0.17
CA GLN E 49 -13.48 -0.82 -0.59
C GLN E 49 -14.15 0.40 0.06
N ASP E 50 -15.20 0.22 0.87
CA ASP E 50 -15.75 1.31 1.73
C ASP E 50 -16.13 0.70 3.07
N ASP E 51 -16.77 1.47 3.94
CA ASP E 51 -17.06 1.02 5.31
C ASP E 51 -18.24 0.05 5.30
N ALA E 52 -19.30 0.36 4.55
CA ALA E 52 -20.51 -0.50 4.49
C ALA E 52 -20.06 -1.92 4.10
N GLN E 53 -19.20 -2.02 3.09
CA GLN E 53 -18.71 -3.31 2.57
C GLN E 53 -17.88 -4.01 3.65
N LYS E 54 -17.05 -3.25 4.38
CA LYS E 54 -16.16 -3.82 5.41
C LYS E 54 -17.02 -4.29 6.58
N GLN E 55 -17.97 -3.47 6.98
CA GLN E 55 -18.94 -3.83 8.04
C GLN E 55 -19.77 -5.03 7.57
N ALA E 56 -20.15 -5.07 6.30
CA ALA E 56 -20.89 -6.21 5.71
C ALA E 56 -20.06 -7.49 5.92
N LEU E 57 -18.77 -7.45 5.62
CA LEU E 57 -17.88 -8.62 5.76
C LEU E 57 -17.78 -8.99 7.25
N GLU E 58 -17.71 -7.99 8.12
CA GLU E 58 -17.63 -8.23 9.59
C GLU E 58 -18.91 -8.94 10.04
N LYS E 59 -20.07 -8.42 9.65
CA LYS E 59 -21.37 -8.99 10.06
C LYS E 59 -21.46 -10.43 9.53
N ALA E 60 -21.00 -10.69 8.31
CA ALA E 60 -21.07 -12.04 7.70
C ALA E 60 -20.14 -12.96 8.50
N LEU E 61 -18.92 -12.52 8.80
CA LEU E 61 -17.96 -13.38 9.53
C LEU E 61 -18.57 -13.69 10.91
N GLU E 62 -19.14 -12.66 11.56
CA GLU E 62 -19.75 -12.82 12.91
C GLU E 62 -20.84 -13.90 12.85
N THR E 63 -21.71 -13.81 11.85
CA THR E 63 -22.93 -14.64 11.79
C THR E 63 -22.54 -16.07 11.46
N LEU E 64 -21.52 -16.27 10.64
CA LEU E 64 -21.16 -17.63 10.16
C LEU E 64 -20.60 -18.49 11.31
N HIS E 65 -20.19 -17.93 12.44
CA HIS E 65 -19.76 -18.76 13.60
C HIS E 65 -20.95 -19.00 14.54
N HIS E 66 -22.19 -18.82 14.08
CA HIS E 66 -23.40 -19.12 14.87
C HIS E 66 -24.29 -20.05 14.08
N PRO E 67 -23.88 -21.32 13.87
CA PRO E 67 -24.73 -22.28 13.18
C PRO E 67 -26.05 -22.46 13.92
N GLU E 68 -26.04 -22.28 15.24
CA GLU E 68 -27.29 -22.40 16.05
C GLU E 68 -28.26 -21.30 15.62
N LYS E 69 -27.79 -20.21 15.02
CA LYS E 69 -28.69 -19.12 14.55
C LYS E 69 -29.06 -19.31 13.07
N LEU E 70 -28.20 -19.92 12.26
CA LEU E 70 -28.45 -20.10 10.82
C LEU E 70 -29.20 -21.43 10.58
N PHE E 71 -28.92 -22.45 11.38
CA PHE E 71 -29.55 -23.78 11.22
C PHE E 71 -30.05 -24.22 12.60
N ALA E 72 -31.17 -23.66 13.05
CA ALA E 72 -31.75 -23.95 14.39
C ALA E 72 -31.90 -25.47 14.56
N LEU E 73 -31.22 -26.02 15.56
CA LEU E 73 -31.33 -27.46 15.90
C LEU E 73 -32.25 -27.60 17.12
N SER E 74 -33.21 -28.52 17.05
CA SER E 74 -34.21 -28.76 18.11
C SER E 74 -33.51 -28.99 19.45
N ASP E 75 -34.03 -28.37 20.50
CA ASP E 75 -33.49 -28.47 21.88
C ASP E 75 -33.26 -29.94 22.25
N LYS E 76 -34.26 -30.78 21.98
CA LYS E 76 -34.36 -32.15 22.54
C LYS E 76 -33.45 -33.12 21.76
N ALA E 77 -32.86 -32.68 20.65
CA ALA E 77 -31.84 -33.47 19.93
C ALA E 77 -30.54 -33.47 20.75
N GLN E 78 -30.35 -32.45 21.59
CA GLN E 78 -29.17 -32.33 22.49
C GLN E 78 -27.91 -32.27 21.64
N CYS E 79 -27.82 -31.23 20.83
CA CYS E 79 -26.66 -30.97 19.93
C CYS E 79 -25.78 -29.89 20.58
N GLU E 80 -24.51 -30.22 20.80
CA GLU E 80 -23.46 -29.23 21.19
C GLU E 80 -22.50 -29.07 20.01
N LYS E 81 -22.26 -27.82 19.60
CA LYS E 81 -21.28 -27.50 18.54
C LYS E 81 -19.93 -28.08 18.97
N ARG E 82 -19.29 -28.86 18.11
CA ARG E 82 -17.93 -29.42 18.35
C ARG E 82 -16.90 -28.79 17.40
N GLU E 83 -17.33 -28.38 16.21
CA GLU E 83 -16.41 -27.74 15.26
C GLU E 83 -17.14 -26.59 14.58
N VAL E 84 -16.46 -25.46 14.49
CA VAL E 84 -16.88 -24.35 13.60
C VAL E 84 -15.65 -24.01 12.78
N LEU E 85 -15.70 -24.28 11.49
CA LEU E 85 -14.66 -23.83 10.54
C LEU E 85 -15.29 -22.75 9.65
N ILE E 86 -14.65 -21.59 9.58
CA ILE E 86 -15.02 -20.55 8.58
C ILE E 86 -13.80 -20.26 7.72
N LYS E 87 -13.99 -20.37 6.40
CA LYS E 87 -12.98 -20.02 5.37
C LYS E 87 -13.58 -18.94 4.46
N HIS E 88 -13.01 -17.75 4.48
CA HIS E 88 -13.30 -16.67 3.49
C HIS E 88 -12.13 -16.61 2.52
N THR E 89 -12.41 -16.50 1.23
CA THR E 89 -11.38 -16.39 0.17
C THR E 89 -11.60 -15.10 -0.62
N LEU E 90 -10.55 -14.61 -1.27
CA LEU E 90 -10.68 -13.66 -2.41
C LEU E 90 -9.47 -13.75 -3.34
N GLY E 102 -12.20 -12.96 -6.63
CA GLY E 102 -13.20 -14.05 -6.60
C GLY E 102 -13.56 -14.48 -5.18
N GLY E 103 -14.38 -13.65 -4.52
CA GLY E 103 -14.79 -13.94 -3.16
C GLY E 103 -15.58 -15.22 -3.06
N SER E 104 -15.44 -15.93 -1.95
CA SER E 104 -16.24 -17.15 -1.63
C SER E 104 -16.13 -17.51 -0.14
N PHE E 105 -17.25 -17.89 0.45
CA PHE E 105 -17.33 -18.22 1.89
C PHE E 105 -17.61 -19.70 2.05
N THR E 106 -16.94 -20.31 3.02
CA THR E 106 -17.14 -21.73 3.33
C THR E 106 -17.29 -21.87 4.82
N ALA E 107 -18.36 -22.53 5.25
CA ALA E 107 -18.62 -22.82 6.68
C ALA E 107 -18.80 -24.32 6.83
N GLN E 108 -18.17 -24.86 7.87
CA GLN E 108 -18.23 -26.30 8.19
C GLN E 108 -18.53 -26.41 9.68
N TYR E 109 -19.72 -26.85 10.01
CA TYR E 109 -20.15 -27.05 11.42
C TYR E 109 -20.25 -28.55 11.66
N GLN E 110 -19.93 -28.95 12.88
CA GLN E 110 -20.01 -30.37 13.27
C GLN E 110 -20.51 -30.43 14.71
N PHE E 111 -21.77 -30.80 14.88
CA PHE E 111 -22.39 -30.96 16.20
C PHE E 111 -22.30 -32.43 16.61
N HIS E 112 -22.36 -32.65 17.92
CA HIS E 112 -22.56 -34.00 18.51
C HIS E 112 -23.89 -33.99 19.26
N CYS E 113 -24.87 -34.71 18.71
CA CYS E 113 -26.23 -34.80 19.30
C CYS E 113 -26.38 -36.17 19.96
N GLU E 114 -26.66 -36.19 21.27
CA GLU E 114 -26.91 -37.46 22.00
C GLU E 114 -28.31 -37.97 21.68
N ALA E 115 -29.27 -37.11 21.33
CA ALA E 115 -30.64 -37.51 20.92
C ALA E 115 -30.82 -37.29 19.40
N VAL E 116 -29.92 -37.86 18.59
CA VAL E 116 -29.89 -37.66 17.12
C VAL E 116 -31.27 -38.03 16.54
N ASP E 117 -31.76 -39.22 16.84
CA ASP E 117 -32.99 -39.80 16.22
C ASP E 117 -34.10 -38.75 16.31
N GLN E 118 -34.16 -38.00 17.41
CA GLN E 118 -35.26 -37.05 17.70
C GLN E 118 -35.13 -35.78 16.84
N LEU E 119 -33.95 -35.48 16.30
CA LEU E 119 -33.76 -34.30 15.39
C LEU E 119 -34.54 -34.60 14.10
N LYS E 120 -35.61 -33.84 13.86
CA LYS E 120 -36.59 -34.14 12.77
C LYS E 120 -36.36 -33.21 11.59
N GLN E 121 -35.89 -31.98 11.82
CA GLN E 121 -35.83 -30.96 10.75
C GLN E 121 -34.89 -29.83 11.15
N ILE E 122 -34.45 -29.07 10.16
CA ILE E 122 -33.75 -27.76 10.36
C ILE E 122 -34.56 -26.72 9.59
N ASP E 123 -34.99 -25.66 10.26
CA ASP E 123 -35.62 -24.50 9.61
C ASP E 123 -34.55 -23.42 9.45
N THR E 124 -33.78 -23.50 8.36
CA THR E 124 -32.62 -22.60 8.12
C THR E 124 -33.10 -21.15 8.15
N GLN E 125 -32.34 -20.28 8.81
CA GLN E 125 -32.56 -18.82 8.74
C GLN E 125 -31.50 -18.16 7.86
N TRP E 126 -30.85 -18.93 6.99
CA TRP E 126 -29.81 -18.40 6.09
C TRP E 126 -30.36 -17.20 5.34
N PHE E 127 -31.53 -17.35 4.71
CA PHE E 127 -32.12 -16.34 3.79
C PHE E 127 -32.41 -15.07 4.59
N GLN E 128 -32.68 -15.21 5.88
CA GLN E 128 -33.01 -14.07 6.76
C GLN E 128 -31.70 -13.36 7.17
N TYR E 129 -30.58 -14.07 7.23
CA TYR E 129 -29.27 -13.44 7.55
C TYR E 129 -28.54 -13.04 6.28
N PHE E 130 -28.80 -13.69 5.16
CA PHE E 130 -28.07 -13.42 3.88
C PHE E 130 -29.07 -13.26 2.75
N PRO E 131 -29.86 -12.15 2.76
CA PRO E 131 -30.96 -12.00 1.81
C PRO E 131 -30.51 -11.92 0.34
N SER E 132 -29.25 -11.57 0.07
CA SER E 132 -28.70 -11.64 -1.31
C SER E 132 -28.77 -13.07 -1.85
N THR E 133 -28.86 -14.06 -0.95
CA THR E 133 -28.97 -15.49 -1.34
C THR E 133 -30.38 -15.76 -1.84
N GLU E 134 -30.52 -16.26 -3.07
CA GLU E 134 -31.84 -16.49 -3.72
C GLU E 134 -32.29 -17.93 -3.45
N LYS E 135 -31.40 -18.90 -3.63
CA LYS E 135 -31.73 -20.32 -3.41
C LYS E 135 -30.51 -21.03 -2.83
N ILE E 136 -30.75 -22.18 -2.21
CA ILE E 136 -29.68 -23.09 -1.71
C ILE E 136 -29.87 -24.47 -2.32
N GLN E 137 -28.83 -25.05 -2.90
CA GLN E 137 -28.80 -26.47 -3.33
C GLN E 137 -28.40 -27.31 -2.13
N ALA E 138 -29.37 -27.97 -1.51
CA ALA E 138 -29.16 -28.74 -0.25
C ALA E 138 -29.02 -30.22 -0.59
N ASN E 139 -27.97 -30.86 -0.08
CA ASN E 139 -27.77 -32.33 -0.20
C ASN E 139 -27.77 -32.90 1.19
N VAL E 140 -28.70 -33.81 1.46
CA VAL E 140 -28.84 -34.46 2.79
C VAL E 140 -28.48 -35.94 2.64
N LEU E 141 -27.53 -36.41 3.44
CA LEU E 141 -27.18 -37.83 3.55
C LEU E 141 -27.22 -38.21 5.01
N THR E 142 -28.41 -38.43 5.55
CA THR E 142 -28.59 -39.01 6.90
C THR E 142 -28.69 -40.52 6.77
N GLU E 143 -28.96 -41.23 7.87
CA GLU E 143 -29.21 -42.69 7.80
C GLU E 143 -30.54 -42.90 7.07
N LYS E 144 -31.52 -42.04 7.33
CA LYS E 144 -32.88 -42.17 6.74
C LYS E 144 -32.89 -41.60 5.32
N GLN E 145 -32.77 -40.27 5.20
CA GLN E 145 -32.96 -39.57 3.90
C GLN E 145 -31.66 -39.45 3.13
N GLN E 146 -31.72 -39.72 1.83
CA GLN E 146 -30.93 -39.02 0.81
C GLN E 146 -31.81 -37.90 0.25
N SER E 147 -31.22 -36.80 -0.22
CA SER E 147 -32.01 -35.62 -0.64
C SER E 147 -31.15 -34.69 -1.48
N ALA E 148 -31.79 -34.08 -2.48
CA ALA E 148 -31.24 -32.98 -3.28
C ALA E 148 -32.33 -31.92 -3.37
N LEU E 149 -32.55 -31.21 -2.28
CA LEU E 149 -33.59 -30.14 -2.22
C LEU E 149 -32.98 -28.80 -2.59
N GLN E 150 -33.82 -27.93 -3.14
CA GLN E 150 -33.50 -26.48 -3.30
C GLN E 150 -34.33 -25.73 -2.26
N LEU E 151 -33.68 -24.86 -1.51
CA LEU E 151 -34.36 -24.01 -0.51
C LEU E 151 -34.45 -22.60 -1.07
N ASN E 152 -35.20 -21.75 -0.40
CA ASN E 152 -35.30 -20.31 -0.70
C ASN E 152 -35.97 -19.65 0.50
N ALA E 153 -36.08 -18.33 0.50
CA ALA E 153 -36.61 -17.57 1.64
C ALA E 153 -37.95 -18.18 2.07
N LYS E 154 -38.65 -18.87 1.16
CA LYS E 154 -40.05 -19.34 1.40
C LYS E 154 -40.03 -20.80 1.81
N GLN E 155 -39.03 -21.56 1.39
CA GLN E 155 -38.98 -23.02 1.63
C GLN E 155 -37.67 -23.35 2.34
N THR E 156 -37.69 -23.30 3.67
CA THR E 156 -36.45 -23.37 4.49
C THR E 156 -36.39 -24.64 5.35
N LEU E 157 -37.45 -25.45 5.42
CA LEU E 157 -37.45 -26.63 6.31
C LEU E 157 -36.65 -27.75 5.67
N ILE E 158 -35.75 -28.35 6.44
CA ILE E 158 -34.93 -29.50 6.01
C ILE E 158 -35.31 -30.66 6.91
N LYS E 159 -36.14 -31.58 6.42
CA LYS E 159 -36.73 -32.63 7.27
C LYS E 159 -35.74 -33.80 7.38
N LEU E 160 -35.34 -34.14 8.61
CA LEU E 160 -34.36 -35.20 8.93
C LEU E 160 -35.05 -36.31 9.73
N HIS F 14 27.99 2.85 -19.96
CA HIS F 14 27.75 2.74 -18.49
C HIS F 14 26.32 3.21 -18.14
N VAL F 15 25.41 2.27 -17.98
CA VAL F 15 24.06 2.54 -17.40
C VAL F 15 23.78 1.40 -16.42
N HIS F 16 23.36 1.73 -15.19
CA HIS F 16 23.11 0.74 -14.11
C HIS F 16 21.96 -0.17 -14.55
N GLY F 17 22.15 -1.47 -14.40
CA GLY F 17 21.19 -2.50 -14.85
C GLY F 17 21.62 -3.16 -16.13
N GLN F 18 22.39 -2.46 -16.97
CA GLN F 18 22.73 -2.94 -18.33
C GLN F 18 24.17 -3.48 -18.33
N VAL F 19 24.34 -4.68 -18.88
CA VAL F 19 25.67 -5.31 -19.00
C VAL F 19 25.93 -5.62 -20.47
N GLU F 20 27.13 -5.31 -20.95
CA GLU F 20 27.53 -5.59 -22.34
C GLU F 20 28.19 -6.96 -22.36
N LEU F 21 27.83 -7.77 -23.34
CA LEU F 21 28.45 -9.09 -23.56
C LEU F 21 28.82 -9.17 -25.04
N ASN F 22 30.09 -9.42 -25.31
CA ASN F 22 30.61 -9.57 -26.68
C ASN F 22 31.16 -10.99 -26.82
N ILE F 23 30.45 -11.84 -27.54
CA ILE F 23 30.92 -13.20 -27.90
C ILE F 23 31.52 -13.11 -29.29
N ALA F 24 32.70 -13.69 -29.45
CA ALA F 24 33.46 -13.67 -30.72
C ALA F 24 34.11 -15.03 -30.89
N GLN F 25 33.70 -15.73 -31.93
CA GLN F 25 34.27 -17.04 -32.29
C GLN F 25 35.03 -16.88 -33.59
N ASP F 26 36.27 -17.34 -33.60
CA ASP F 26 37.10 -17.38 -34.84
C ASP F 26 38.03 -18.58 -34.74
N GLY F 27 37.98 -19.47 -35.73
CA GLY F 27 38.68 -20.77 -35.72
C GLY F 27 38.28 -21.61 -34.52
N HIS F 28 39.26 -22.01 -33.71
CA HIS F 28 39.07 -22.98 -32.60
C HIS F 28 38.70 -22.26 -31.31
N ASP F 29 38.68 -20.92 -31.33
CA ASP F 29 38.63 -20.14 -30.07
C ASP F 29 37.31 -19.39 -29.97
N LEU F 30 36.72 -19.38 -28.77
CA LEU F 30 35.57 -18.51 -28.46
C LEU F 30 35.98 -17.52 -27.38
N LEU F 31 35.94 -16.23 -27.70
CA LEU F 31 36.17 -15.16 -26.71
C LEU F 31 34.83 -14.65 -26.19
N LEU F 32 34.70 -14.53 -24.87
CA LEU F 32 33.55 -13.87 -24.19
C LEU F 32 34.11 -12.66 -23.47
N GLU F 33 33.39 -11.55 -23.51
CA GLU F 33 33.82 -10.31 -22.85
C GLU F 33 32.60 -9.63 -22.25
N ILE F 34 32.47 -9.73 -20.92
CA ILE F 34 31.43 -9.00 -20.14
C ILE F 34 31.98 -7.61 -19.80
N THR F 35 31.11 -6.63 -19.76
CA THR F 35 31.39 -5.31 -19.14
C THR F 35 30.18 -4.90 -18.31
N ALA F 36 30.34 -4.77 -17.00
CA ALA F 36 29.22 -4.58 -16.06
C ALA F 36 29.50 -3.37 -15.20
N PRO F 37 28.49 -2.53 -14.90
CA PRO F 37 28.65 -1.47 -13.93
C PRO F 37 28.97 -2.07 -12.56
N GLY F 38 29.84 -1.41 -11.80
CA GLY F 38 30.11 -1.73 -10.39
C GLY F 38 28.82 -1.90 -9.62
N ALA F 39 27.80 -1.11 -9.94
CA ALA F 39 26.45 -1.21 -9.33
C ALA F 39 25.89 -2.61 -9.55
N ASP F 40 25.97 -3.13 -10.77
CA ASP F 40 25.30 -4.41 -11.09
C ASP F 40 26.01 -5.58 -10.41
N VAL F 41 27.29 -5.45 -10.08
CA VAL F 41 28.11 -6.65 -9.71
C VAL F 41 28.43 -6.67 -8.22
N VAL F 42 28.59 -5.53 -7.57
CA VAL F 42 28.79 -5.50 -6.11
C VAL F 42 27.79 -4.56 -5.44
N GLY F 43 27.11 -3.69 -6.20
CA GLY F 43 26.09 -2.77 -5.69
C GLY F 43 26.69 -1.46 -5.22
N PHE F 44 27.85 -1.06 -5.74
CA PHE F 44 28.49 0.24 -5.41
C PHE F 44 29.72 0.44 -6.29
N GLU F 45 29.95 1.69 -6.72
CA GLU F 45 31.06 2.08 -7.61
C GLU F 45 32.00 3.00 -6.84
N HIS F 46 32.56 2.49 -5.74
CA HIS F 46 33.61 3.16 -4.95
C HIS F 46 34.38 2.08 -4.17
N ALA F 47 35.45 2.50 -3.51
CA ALA F 47 36.23 1.61 -2.62
C ALA F 47 35.31 1.10 -1.51
N PRO F 48 35.34 -0.20 -1.16
CA PRO F 48 34.54 -0.70 -0.04
C PRO F 48 34.77 0.13 1.23
N GLN F 49 33.71 0.36 1.99
CA GLN F 49 33.70 1.28 3.16
C GLN F 49 33.31 0.51 4.43
N ASP F 50 33.14 -0.82 4.34
CA ASP F 50 32.79 -1.68 5.49
C ASP F 50 33.05 -3.15 5.12
N ASP F 51 32.74 -4.07 6.05
CA ASP F 51 32.99 -5.52 5.86
C ASP F 51 32.00 -6.07 4.83
N ALA F 52 30.74 -5.61 4.84
CA ALA F 52 29.70 -6.09 3.89
C ALA F 52 30.18 -5.80 2.47
N GLN F 53 30.69 -4.59 2.24
CA GLN F 53 31.18 -4.16 0.91
C GLN F 53 32.39 -5.01 0.53
N LYS F 54 33.41 -5.01 1.38
CA LYS F 54 34.71 -5.71 1.12
C LYS F 54 34.41 -7.15 0.71
N GLN F 55 33.52 -7.81 1.45
CA GLN F 55 33.21 -9.24 1.21
C GLN F 55 32.45 -9.36 -0.12
N ALA F 56 31.52 -8.44 -0.39
CA ALA F 56 30.72 -8.46 -1.64
C ALA F 56 31.69 -8.36 -2.82
N LEU F 57 32.70 -7.49 -2.70
CA LEU F 57 33.73 -7.33 -3.75
C LEU F 57 34.53 -8.62 -3.89
N GLU F 58 34.98 -9.17 -2.76
CA GLU F 58 35.78 -10.42 -2.73
C GLU F 58 34.97 -11.49 -3.44
N LYS F 59 33.65 -11.54 -3.21
CA LYS F 59 32.76 -12.57 -3.79
C LYS F 59 32.67 -12.36 -5.30
N ALA F 60 32.63 -11.11 -5.76
CA ALA F 60 32.39 -10.76 -7.18
C ALA F 60 33.66 -11.08 -7.97
N LEU F 61 34.81 -10.68 -7.45
CA LEU F 61 36.11 -10.99 -8.11
C LEU F 61 36.29 -12.50 -8.13
N GLU F 62 35.79 -13.19 -7.12
CA GLU F 62 35.87 -14.67 -7.04
C GLU F 62 34.92 -15.25 -8.09
N THR F 63 33.66 -14.83 -8.09
CA THR F 63 32.65 -15.36 -9.04
C THR F 63 33.12 -15.07 -10.47
N LEU F 64 33.79 -13.94 -10.67
CA LEU F 64 34.11 -13.45 -12.03
C LEU F 64 35.21 -14.29 -12.70
N HIS F 65 36.02 -15.07 -11.98
CA HIS F 65 37.06 -15.92 -12.63
C HIS F 65 36.56 -17.37 -12.73
N HIS F 66 35.24 -17.57 -12.68
CA HIS F 66 34.62 -18.89 -12.91
C HIS F 66 33.68 -18.81 -14.10
N PRO F 67 34.19 -18.71 -15.34
CA PRO F 67 33.36 -18.61 -16.53
C PRO F 67 32.39 -19.78 -16.62
N GLU F 68 32.90 -20.99 -16.28
CA GLU F 68 32.15 -22.26 -16.29
C GLU F 68 30.82 -22.08 -15.58
N LYS F 69 30.75 -21.24 -14.54
CA LYS F 69 29.52 -21.10 -13.72
C LYS F 69 28.64 -19.95 -14.23
N LEU F 70 29.18 -19.02 -15.01
CA LEU F 70 28.41 -17.87 -15.55
C LEU F 70 28.00 -18.14 -17.00
N PHE F 71 28.61 -19.11 -17.66
CA PHE F 71 28.28 -19.45 -19.06
C PHE F 71 28.37 -20.96 -19.27
N ALA F 72 27.24 -21.58 -19.60
CA ALA F 72 27.18 -23.00 -20.00
C ALA F 72 27.28 -23.05 -21.54
N LEU F 73 28.41 -23.51 -22.06
CA LEU F 73 28.61 -23.65 -23.52
C LEU F 73 28.16 -25.05 -23.94
N SER F 74 27.74 -25.18 -25.20
CA SER F 74 27.41 -26.50 -25.81
C SER F 74 28.51 -27.48 -25.42
N ASP F 75 28.12 -28.57 -24.74
CA ASP F 75 29.08 -29.51 -24.12
C ASP F 75 29.85 -30.25 -25.21
N LYS F 76 29.15 -30.67 -26.26
CA LYS F 76 29.78 -31.40 -27.39
C LYS F 76 30.85 -30.52 -28.06
N ALA F 77 30.85 -29.21 -27.79
CA ALA F 77 31.81 -28.27 -28.39
C ALA F 77 33.20 -28.50 -27.81
N GLN F 78 33.27 -29.01 -26.56
CA GLN F 78 34.56 -29.30 -25.87
C GLN F 78 35.42 -28.03 -25.85
N CYS F 79 34.82 -26.93 -25.43
CA CYS F 79 35.56 -25.69 -25.11
C CYS F 79 36.02 -25.76 -23.66
N GLU F 80 37.28 -25.42 -23.39
CA GLU F 80 37.80 -25.37 -22.00
C GLU F 80 38.66 -24.12 -21.84
N LYS F 81 38.57 -23.50 -20.65
CA LYS F 81 39.19 -22.22 -20.30
C LYS F 81 40.64 -22.18 -20.76
N ARG F 82 41.09 -21.04 -21.30
CA ARG F 82 42.50 -20.88 -21.73
C ARG F 82 43.06 -19.55 -21.22
N GLU F 83 42.25 -18.51 -21.14
CA GLU F 83 42.68 -17.22 -20.57
C GLU F 83 41.51 -16.59 -19.83
N VAL F 84 41.73 -16.24 -18.56
CA VAL F 84 40.78 -15.45 -17.75
C VAL F 84 41.48 -14.13 -17.45
N LEU F 85 40.79 -13.04 -17.76
CA LEU F 85 41.21 -11.67 -17.44
C LEU F 85 40.06 -11.01 -16.68
N ILE F 86 40.40 -10.28 -15.64
CA ILE F 86 39.38 -9.54 -14.85
C ILE F 86 39.94 -8.14 -14.63
N LYS F 87 39.24 -7.13 -15.15
CA LYS F 87 39.55 -5.70 -14.94
C LYS F 87 38.50 -5.14 -13.98
N HIS F 88 38.95 -4.55 -12.89
CA HIS F 88 38.12 -3.70 -12.00
C HIS F 88 38.66 -2.28 -12.08
N THR F 89 37.78 -1.29 -12.18
CA THR F 89 38.15 0.12 -12.46
C THR F 89 37.26 1.05 -11.66
N LEU F 90 37.83 1.92 -10.83
CA LEU F 90 37.09 2.90 -10.01
C LEU F 90 37.23 4.30 -10.63
N GLY F 103 32.85 3.30 -11.91
CA GLY F 103 33.10 1.95 -11.38
C GLY F 103 32.62 0.91 -12.35
N SER F 104 33.52 0.19 -13.00
CA SER F 104 33.15 -0.86 -13.97
C SER F 104 33.96 -2.15 -13.73
N PHE F 105 33.33 -3.31 -13.91
CA PHE F 105 34.05 -4.59 -14.02
C PHE F 105 34.01 -5.06 -15.48
N THR F 106 35.09 -5.66 -15.96
CA THR F 106 35.13 -6.32 -17.28
C THR F 106 35.78 -7.69 -17.12
N ALA F 107 35.10 -8.74 -17.60
CA ALA F 107 35.65 -10.10 -17.62
C ALA F 107 35.84 -10.49 -19.09
N GLN F 108 37.04 -10.97 -19.39
CA GLN F 108 37.43 -11.45 -20.74
C GLN F 108 37.81 -12.93 -20.60
N TYR F 109 36.97 -13.81 -21.12
CA TYR F 109 37.22 -15.26 -21.13
C TYR F 109 37.59 -15.67 -22.54
N GLN F 110 38.56 -16.57 -22.63
CA GLN F 110 38.96 -17.17 -23.90
C GLN F 110 38.92 -18.69 -23.73
N PHE F 111 38.11 -19.36 -24.52
CA PHE F 111 38.07 -20.84 -24.56
C PHE F 111 38.76 -21.30 -25.83
N HIS F 112 39.36 -22.48 -25.76
CA HIS F 112 39.74 -23.27 -26.96
C HIS F 112 38.72 -24.39 -27.11
N CYS F 113 38.06 -24.44 -28.26
CA CYS F 113 37.00 -25.42 -28.57
C CYS F 113 37.58 -26.48 -29.50
N GLU F 114 37.51 -27.76 -29.10
CA GLU F 114 37.95 -28.88 -29.96
C GLU F 114 36.92 -29.11 -31.07
N ALA F 115 35.64 -28.81 -30.79
CA ALA F 115 34.52 -29.07 -31.71
C ALA F 115 33.70 -27.78 -31.84
N VAL F 116 34.34 -26.72 -32.34
CA VAL F 116 33.71 -25.37 -32.40
C VAL F 116 32.52 -25.39 -33.37
N ASP F 117 32.41 -26.43 -34.19
CA ASP F 117 31.21 -26.68 -35.04
C ASP F 117 30.04 -27.10 -34.17
N GLN F 118 30.30 -27.74 -33.03
CA GLN F 118 29.25 -28.22 -32.10
C GLN F 118 28.84 -27.10 -31.14
N LEU F 119 29.42 -25.91 -31.31
CA LEU F 119 29.09 -24.74 -30.46
C LEU F 119 27.70 -24.23 -30.89
N LYS F 120 26.65 -24.72 -30.24
CA LYS F 120 25.25 -24.40 -30.64
C LYS F 120 24.66 -23.32 -29.73
N GLN F 121 24.96 -23.38 -28.43
CA GLN F 121 24.34 -22.43 -27.47
C GLN F 121 25.32 -22.03 -26.38
N ILE F 122 25.08 -20.85 -25.81
CA ILE F 122 25.66 -20.38 -24.53
C ILE F 122 24.51 -19.92 -23.64
N ASP F 123 24.30 -20.61 -22.53
CA ASP F 123 23.20 -20.25 -21.60
C ASP F 123 23.86 -19.63 -20.36
N THR F 124 23.74 -18.32 -20.21
CA THR F 124 24.37 -17.58 -19.09
C THR F 124 23.58 -17.78 -17.81
N GLN F 125 24.27 -17.84 -16.69
CA GLN F 125 23.64 -17.85 -15.35
CA GLN F 125 23.69 -17.88 -15.33
C GLN F 125 23.98 -16.52 -14.64
N TRP F 126 24.37 -15.51 -15.42
CA TRP F 126 24.76 -14.17 -14.91
C TRP F 126 23.75 -13.63 -13.91
N PHE F 127 22.45 -13.72 -14.23
CA PHE F 127 21.39 -13.01 -13.49
C PHE F 127 21.20 -13.63 -12.10
N GLN F 128 21.50 -14.92 -11.93
CA GLN F 128 21.37 -15.61 -10.63
C GLN F 128 22.51 -15.16 -9.72
N TYR F 129 23.68 -14.84 -10.26
CA TYR F 129 24.83 -14.31 -9.48
C TYR F 129 24.74 -12.78 -9.37
N PHE F 130 24.10 -12.12 -10.33
CA PHE F 130 24.07 -10.63 -10.36
C PHE F 130 22.67 -10.18 -10.68
N PRO F 131 21.70 -10.38 -9.75
CA PRO F 131 20.29 -10.12 -10.05
C PRO F 131 19.97 -8.63 -10.14
N SER F 132 20.94 -7.78 -9.83
CA SER F 132 20.82 -6.32 -10.06
C SER F 132 20.82 -6.02 -11.57
N THR F 133 21.37 -6.92 -12.39
CA THR F 133 21.42 -6.73 -13.86
C THR F 133 20.02 -6.99 -14.45
N GLU F 134 19.43 -5.97 -15.10
CA GLU F 134 18.07 -6.10 -15.68
C GLU F 134 18.20 -6.74 -17.06
N LYS F 135 19.20 -6.33 -17.83
CA LYS F 135 19.34 -6.85 -19.21
C LYS F 135 20.82 -6.95 -19.57
N ILE F 136 21.14 -7.94 -20.37
CA ILE F 136 22.47 -8.03 -21.02
C ILE F 136 22.25 -7.67 -22.49
N GLN F 137 23.04 -6.72 -22.98
CA GLN F 137 23.12 -6.42 -24.43
C GLN F 137 24.18 -7.35 -25.01
N ALA F 138 23.75 -8.39 -25.70
CA ALA F 138 24.64 -9.44 -26.23
C ALA F 138 24.88 -9.18 -27.73
N ASN F 139 26.14 -9.12 -28.12
CA ASN F 139 26.58 -9.05 -29.54
C ASN F 139 27.41 -10.28 -29.84
N VAL F 140 26.92 -11.14 -30.73
CA VAL F 140 27.59 -12.40 -31.10
C VAL F 140 28.15 -12.27 -32.51
N LEU F 141 29.39 -12.67 -32.71
CA LEU F 141 29.99 -12.81 -34.05
C LEU F 141 30.71 -14.15 -34.11
N THR F 142 30.09 -15.14 -34.71
CA THR F 142 30.76 -16.41 -35.06
C THR F 142 31.12 -16.35 -36.54
N GLU F 143 31.95 -17.30 -36.99
CA GLU F 143 32.41 -17.39 -38.40
C GLU F 143 31.17 -17.36 -39.31
N LYS F 144 30.07 -17.96 -38.86
CA LYS F 144 28.85 -18.18 -39.68
C LYS F 144 27.88 -16.99 -39.49
N GLN F 145 27.67 -16.57 -38.25
CA GLN F 145 26.57 -15.65 -37.87
C GLN F 145 27.14 -14.31 -37.38
N GLN F 146 26.33 -13.26 -37.45
CA GLN F 146 26.46 -12.10 -36.55
C GLN F 146 25.07 -11.79 -36.00
N SER F 147 24.94 -11.69 -34.68
CA SER F 147 23.64 -11.51 -33.99
C SER F 147 23.74 -10.35 -33.01
N ALA F 148 22.57 -9.91 -32.56
CA ALA F 148 22.40 -8.90 -31.51
C ALA F 148 21.13 -9.28 -30.73
N LEU F 149 21.29 -9.64 -29.47
CA LEU F 149 20.20 -10.12 -28.60
C LEU F 149 20.26 -9.32 -27.33
N GLN F 150 19.11 -9.15 -26.68
CA GLN F 150 19.07 -8.65 -25.29
C GLN F 150 18.64 -9.82 -24.42
N LEU F 151 19.37 -10.05 -23.34
CA LEU F 151 19.03 -11.11 -22.35
C LEU F 151 18.45 -10.47 -21.09
N ASN F 152 17.72 -11.27 -20.32
CA ASN F 152 17.24 -10.90 -18.98
C ASN F 152 17.25 -12.17 -18.15
N ALA F 153 16.87 -12.07 -16.89
CA ALA F 153 16.81 -13.23 -15.98
C ALA F 153 15.93 -14.28 -16.67
N LYS F 154 14.92 -13.81 -17.42
CA LYS F 154 13.93 -14.72 -18.03
C LYS F 154 14.29 -15.03 -19.49
N GLN F 155 15.34 -14.47 -20.08
CA GLN F 155 15.74 -15.00 -21.42
C GLN F 155 17.26 -15.01 -21.49
N THR F 156 17.86 -16.15 -21.19
CA THR F 156 19.31 -16.26 -20.91
C THR F 156 20.01 -17.01 -22.02
N LEU F 157 19.27 -17.71 -22.86
CA LEU F 157 19.85 -18.60 -23.89
C LEU F 157 20.32 -17.76 -25.07
N ILE F 158 21.63 -17.74 -25.33
CA ILE F 158 22.18 -17.27 -26.62
C ILE F 158 22.28 -18.48 -27.53
N LYS F 159 21.50 -18.49 -28.60
CA LYS F 159 21.60 -19.56 -29.62
C LYS F 159 22.52 -19.07 -30.73
N LEU F 160 23.45 -19.91 -31.16
CA LEU F 160 24.48 -19.53 -32.16
C LEU F 160 24.72 -20.72 -33.09
ZN ZN G . 11.65 17.41 -16.27
ZN ZN H . -4.13 15.51 18.84
ZN ZN I . 4.77 32.45 2.94
C1 PGE J . -40.02 27.73 -10.64
O1 PGE J . -39.62 27.40 -9.32
C2 PGE J . -40.09 26.53 -11.52
O2 PGE J . -40.48 26.92 -12.84
C3 PGE J . -39.90 26.12 -13.86
C4 PGE J . -40.88 25.93 -14.99
O4 PGE J . -41.12 23.79 -18.01
C6 PGE J . -39.89 24.36 -17.61
C5 PGE J . -39.67 24.23 -16.14
O3 PGE J . -40.86 24.58 -15.43
ZN ZN K . -24.06 -7.70 -19.07
ZN ZN L . -29.29 -16.01 -13.80
ZN ZN M . -39.88 4.53 -3.23
ZN ZN N . -35.52 28.29 -10.47
ZN ZN O . -6.60 -28.10 26.34
ZN ZN P . -13.24 -8.08 12.25
ZN ZN Q . 2.53 -11.93 -7.22
ZN ZN R . -0.31 -15.90 -4.34
ZN ZN S . 13.08 25.21 21.73
ZN ZN T . 15.03 33.37 -2.46
ZN ZN U . 28.19 15.51 -7.90
ZN ZN V . 32.15 16.32 -11.32
ZN ZN W . -20.69 -14.42 17.43
ZN ZN X . -18.50 -15.49 -7.99
ZN ZN Y . -22.85 -39.21 21.81
ZN ZN Z . 27.83 3.79 -12.37
ZN ZN AA . 42.49 -22.51 -29.71
ZN ZN BA . 37.61 -19.20 -7.87
#